data_1B5S
#
_entry.id   1B5S
#
_cell.length_a   534.400
_cell.length_b   534.400
_cell.length_c   534.400
_cell.angle_alpha   90.00
_cell.angle_beta   90.00
_cell.angle_gamma   90.00
#
_symmetry.space_group_name_H-M   'F 41 3 2'
#
_entity_poly.entity_id   1
_entity_poly.type   'polypeptide(L)'
_entity_poly.pdbx_seq_one_letter_code
;AAAKPATTEGEFPETREKMSGIRRAIAKAMVHSKHTAPHVTLMDEADVTKLVAHRKKFKAIAAEKGIKLTFLPYVVKALV
SALREYPVLNTSIDDETEEIIQKHYYNIGIAADTDRGLLVPVIKHADRKPIFALAQEINELAEKARDGKLTPGEMKGASC
TITNIGSAGGQWFTPVINHPEVAILGIGRIAEKPIVRDGEIVAAPMLALSLSFDHRMIDGATAQKALNHIKRLLSDPELL
LM
;
_entity_poly.pdbx_strand_id   A,B,C,D,E
#
# COMPACT_ATOMS: atom_id res chain seq x y z
N ALA A 1 -18.45 30.64 62.84
CA ALA A 1 -17.73 29.34 62.98
C ALA A 1 -16.23 29.50 62.87
N ALA A 2 -15.51 28.54 63.46
CA ALA A 2 -14.06 28.53 63.46
C ALA A 2 -13.51 27.75 62.28
N ALA A 3 -12.27 28.05 61.88
CA ALA A 3 -11.60 27.38 60.77
C ALA A 3 -10.43 26.51 61.18
N LYS A 4 -9.59 26.21 60.20
CA LYS A 4 -8.41 25.38 60.38
C LYS A 4 -7.24 26.21 60.90
N PRO A 5 -6.63 25.78 62.01
CA PRO A 5 -5.49 26.50 62.58
C PRO A 5 -4.28 26.38 61.65
N ALA A 6 -3.58 27.51 61.45
CA ALA A 6 -2.40 27.55 60.59
C ALA A 6 -1.33 26.57 61.04
N THR A 7 -0.84 25.77 60.09
CA THR A 7 0.19 24.79 60.39
C THR A 7 1.46 25.06 59.58
N THR A 8 2.58 25.10 60.28
CA THR A 8 3.87 25.33 59.64
C THR A 8 4.29 24.05 58.92
N GLU A 9 3.83 23.91 57.68
CA GLU A 9 4.12 22.74 56.87
C GLU A 9 5.57 22.63 56.43
N GLY A 10 6.35 23.67 56.65
CA GLY A 10 7.76 23.64 56.27
C GLY A 10 8.63 22.95 57.29
N GLU A 11 8.04 22.63 58.46
CA GLU A 11 8.76 21.96 59.53
C GLU A 11 9.05 20.50 59.24
N PHE A 12 8.14 19.83 58.55
CA PHE A 12 8.33 18.42 58.24
C PHE A 12 8.92 18.20 56.82
N PRO A 13 8.20 18.62 55.76
CA PRO A 13 8.75 18.43 54.42
C PRO A 13 9.10 19.74 53.71
N GLU A 14 9.26 19.65 52.39
CA GLU A 14 9.56 20.83 51.56
C GLU A 14 8.22 21.24 50.95
N THR A 15 8.10 22.49 50.51
CA THR A 15 6.82 22.97 49.94
C THR A 15 6.90 23.90 48.71
N ARG A 16 5.76 24.05 48.04
CA ARG A 16 5.58 24.90 46.85
C ARG A 16 4.15 25.45 46.91
N GLU A 17 3.82 26.44 46.08
CA GLU A 17 2.47 27.03 46.13
C GLU A 17 1.82 27.50 44.83
N LYS A 18 0.71 28.22 45.01
CA LYS A 18 -0.10 28.84 43.95
C LYS A 18 -1.31 28.13 43.33
N MET A 19 -2.33 28.94 43.06
CA MET A 19 -3.61 28.52 42.45
C MET A 19 -3.94 29.36 41.22
N SER A 20 -5.21 29.31 40.82
CA SER A 20 -5.70 30.08 39.67
C SER A 20 -7.02 30.82 40.00
N GLY A 21 -7.41 31.71 39.09
CA GLY A 21 -8.63 32.48 39.28
C GLY A 21 -9.95 31.73 39.28
N ILE A 22 -10.13 30.85 38.30
CA ILE A 22 -11.36 30.07 38.19
C ILE A 22 -11.56 29.12 39.37
N ARG A 23 -10.48 28.48 39.82
CA ARG A 23 -10.54 27.55 40.94
C ARG A 23 -10.99 28.23 42.23
N ARG A 24 -10.65 29.50 42.38
CA ARG A 24 -11.04 30.28 43.56
C ARG A 24 -12.53 30.60 43.53
N ALA A 25 -13.06 30.81 42.33
CA ALA A 25 -14.48 31.12 42.16
C ALA A 25 -15.32 29.88 42.42
N ILE A 26 -14.78 28.72 42.07
CA ILE A 26 -15.45 27.44 42.27
C ILE A 26 -15.41 27.10 43.76
N ALA A 27 -14.25 27.36 44.38
CA ALA A 27 -14.04 27.10 45.78
C ALA A 27 -15.08 27.85 46.63
N LYS A 28 -15.15 29.16 46.43
CA LYS A 28 -16.08 30.02 47.16
C LYS A 28 -17.54 29.62 46.91
N ALA A 29 -17.83 29.21 45.68
CA ALA A 29 -19.18 28.80 45.31
C ALA A 29 -19.59 27.54 46.06
N MET A 30 -18.65 26.59 46.16
CA MET A 30 -18.89 25.34 46.86
C MET A 30 -18.86 25.50 48.38
N VAL A 31 -18.41 26.67 48.84
CA VAL A 31 -18.37 26.96 50.26
C VAL A 31 -19.75 27.44 50.68
N HIS A 32 -20.29 28.37 49.89
CA HIS A 32 -21.60 28.94 50.15
C HIS A 32 -22.69 27.89 49.97
N SER A 33 -22.53 27.05 48.97
CA SER A 33 -23.51 26.01 48.66
C SER A 33 -23.69 24.96 49.76
N LYS A 34 -22.60 24.60 50.42
CA LYS A 34 -22.65 23.59 51.47
C LYS A 34 -22.87 24.19 52.86
N HIS A 35 -22.91 25.52 52.91
CA HIS A 35 -23.14 26.24 54.15
C HIS A 35 -24.57 26.74 54.23
N THR A 36 -25.26 26.71 53.10
CA THR A 36 -26.64 27.19 53.04
C THR A 36 -27.64 26.12 52.63
N ALA A 37 -27.18 24.90 52.46
CA ALA A 37 -28.08 23.84 52.03
C ALA A 37 -27.94 22.48 52.70
N PRO A 38 -29.06 21.92 53.15
CA PRO A 38 -29.15 20.62 53.81
C PRO A 38 -28.84 19.54 52.77
N HIS A 39 -27.77 18.78 52.97
CA HIS A 39 -27.38 17.75 52.01
C HIS A 39 -27.54 16.30 52.42
N VAL A 40 -28.01 15.51 51.46
CA VAL A 40 -28.24 14.07 51.57
C VAL A 40 -28.30 13.56 50.13
N THR A 41 -27.58 12.50 49.84
CA THR A 41 -27.58 11.94 48.49
C THR A 41 -28.37 10.64 48.37
N LEU A 42 -29.05 10.48 47.25
CA LEU A 42 -29.83 9.27 46.99
C LEU A 42 -29.14 8.44 45.92
N MET A 43 -28.93 7.16 46.22
CA MET A 43 -28.27 6.24 45.29
C MET A 43 -29.28 5.32 44.62
N ASP A 44 -29.39 5.39 43.30
CA ASP A 44 -30.31 4.55 42.53
C ASP A 44 -29.68 4.03 41.25
N GLU A 45 -29.85 2.74 40.98
CA GLU A 45 -29.31 2.14 39.76
C GLU A 45 -30.40 1.81 38.75
N ALA A 46 -30.21 2.27 37.53
CA ALA A 46 -31.18 2.04 36.46
C ALA A 46 -30.71 0.98 35.47
N ASP A 47 -31.62 0.12 35.05
CA ASP A 47 -31.32 -0.93 34.09
C ASP A 47 -31.10 -0.29 32.72
N VAL A 48 -29.86 -0.30 32.26
CA VAL A 48 -29.51 0.29 30.97
C VAL A 48 -28.97 -0.78 30.02
N THR A 49 -29.75 -1.83 29.83
CA THR A 49 -29.38 -2.92 28.95
C THR A 49 -29.88 -2.63 27.54
N LYS A 50 -31.04 -2.00 27.47
CA LYS A 50 -31.68 -1.66 26.20
C LYS A 50 -31.18 -0.32 25.64
N LEU A 51 -30.84 0.61 26.53
CA LEU A 51 -30.33 1.92 26.11
C LEU A 51 -28.96 1.79 25.45
N VAL A 52 -28.07 1.03 26.08
CA VAL A 52 -26.73 0.83 25.55
C VAL A 52 -26.83 0.16 24.18
N ALA A 53 -27.85 -0.69 24.01
CA ALA A 53 -28.08 -1.38 22.75
C ALA A 53 -28.56 -0.37 21.71
N HIS A 54 -29.34 0.61 22.14
CA HIS A 54 -29.87 1.64 21.25
C HIS A 54 -28.75 2.57 20.81
N ARG A 55 -27.96 3.04 21.77
CA ARG A 55 -26.86 3.95 21.50
C ARG A 55 -25.85 3.38 20.50
N LYS A 56 -25.68 2.06 20.53
CA LYS A 56 -24.74 1.38 19.64
C LYS A 56 -25.31 1.13 18.25
N LYS A 57 -26.64 1.06 18.14
CA LYS A 57 -27.29 0.83 16.86
C LYS A 57 -27.43 2.11 16.05
N PHE A 58 -27.59 3.23 16.75
CA PHE A 58 -27.74 4.53 16.11
C PHE A 58 -26.40 5.22 15.82
N LYS A 59 -25.31 4.45 15.92
CA LYS A 59 -23.97 4.98 15.66
C LYS A 59 -23.79 5.44 14.22
N ALA A 60 -24.53 4.80 13.31
CA ALA A 60 -24.46 5.13 11.88
C ALA A 60 -25.13 6.47 11.59
N ILE A 61 -26.29 6.70 12.20
CA ILE A 61 -27.05 7.94 12.00
C ILE A 61 -26.35 9.11 12.69
N ALA A 62 -25.53 8.80 13.70
CA ALA A 62 -24.80 9.82 14.45
C ALA A 62 -23.69 10.42 13.60
N ALA A 63 -22.87 9.55 13.01
CA ALA A 63 -21.75 9.97 12.17
C ALA A 63 -22.22 10.73 10.93
N GLU A 64 -23.42 10.40 10.46
CA GLU A 64 -23.99 11.06 9.28
C GLU A 64 -24.32 12.52 9.60
N LYS A 65 -24.58 12.80 10.86
CA LYS A 65 -24.90 14.15 11.31
C LYS A 65 -23.69 14.79 12.02
N GLY A 66 -22.58 14.06 12.02
CA GLY A 66 -21.36 14.55 12.66
C GLY A 66 -21.46 14.72 14.17
N ILE A 67 -22.06 13.75 14.84
CA ILE A 67 -22.22 13.80 16.29
C ILE A 67 -21.80 12.47 16.93
N LYS A 68 -21.42 12.53 18.21
CA LYS A 68 -21.02 11.34 18.95
C LYS A 68 -22.09 11.04 19.99
N LEU A 69 -22.85 9.97 19.76
CA LEU A 69 -23.91 9.60 20.69
C LEU A 69 -23.39 9.03 22.00
N THR A 70 -23.41 9.85 23.03
CA THR A 70 -22.95 9.44 24.35
C THR A 70 -24.16 9.16 25.24
N PHE A 71 -23.90 8.85 26.50
CA PHE A 71 -24.97 8.55 27.45
C PHE A 71 -25.55 9.86 28.00
N LEU A 72 -24.86 10.96 27.74
CA LEU A 72 -25.26 12.28 28.22
C LEU A 72 -26.58 12.81 27.66
N PRO A 73 -26.74 12.84 26.32
CA PRO A 73 -27.99 13.35 25.74
C PRO A 73 -29.24 12.54 26.10
N TYR A 74 -29.06 11.25 26.39
CA TYR A 74 -30.17 10.39 26.77
C TYR A 74 -30.61 10.71 28.19
N VAL A 75 -29.62 11.04 29.04
CA VAL A 75 -29.88 11.37 30.43
C VAL A 75 -30.55 12.74 30.54
N VAL A 76 -30.08 13.70 29.73
CA VAL A 76 -30.64 15.04 29.73
C VAL A 76 -32.15 15.00 29.48
N LYS A 77 -32.56 14.03 28.66
CA LYS A 77 -33.97 13.83 28.31
C LYS A 77 -34.77 13.12 29.39
N ALA A 78 -34.21 12.03 29.90
CA ALA A 78 -34.86 11.24 30.94
C ALA A 78 -35.16 12.08 32.17
N LEU A 79 -34.38 13.15 32.35
CA LEU A 79 -34.57 14.06 33.46
C LEU A 79 -35.52 15.15 33.02
N VAL A 80 -35.33 15.60 31.78
CA VAL A 80 -36.16 16.64 31.18
C VAL A 80 -37.66 16.38 31.30
N SER A 81 -38.07 15.14 31.07
CA SER A 81 -39.48 14.77 31.17
C SER A 81 -39.88 14.48 32.62
N ALA A 82 -38.93 13.96 33.39
CA ALA A 82 -39.15 13.65 34.80
C ALA A 82 -39.30 14.95 35.59
N LEU A 83 -38.65 16.00 35.11
CA LEU A 83 -38.70 17.31 35.74
C LEU A 83 -40.09 17.92 35.55
N ARG A 84 -40.63 17.74 34.34
CA ARG A 84 -41.97 18.26 34.01
C ARG A 84 -43.01 17.60 34.93
N GLU A 85 -42.80 16.33 35.21
CA GLU A 85 -43.68 15.55 36.06
C GLU A 85 -43.58 15.96 37.53
N TYR A 86 -42.37 16.30 37.95
CA TYR A 86 -42.11 16.70 39.34
C TYR A 86 -41.46 18.09 39.39
N PRO A 87 -42.29 19.15 39.31
CA PRO A 87 -41.86 20.55 39.34
C PRO A 87 -41.09 20.99 40.59
N VAL A 88 -41.20 20.23 41.67
CA VAL A 88 -40.51 20.55 42.92
C VAL A 88 -38.99 20.37 42.75
N LEU A 89 -38.60 19.77 41.64
CA LEU A 89 -37.18 19.54 41.35
C LEU A 89 -36.57 20.71 40.59
N ASN A 90 -37.41 21.44 39.85
CA ASN A 90 -36.95 22.58 39.05
C ASN A 90 -37.25 23.92 39.72
N THR A 91 -37.30 23.93 41.04
CA THR A 91 -37.60 25.17 41.76
C THR A 91 -36.38 25.74 42.49
N SER A 92 -36.66 26.62 43.44
CA SER A 92 -35.62 27.26 44.25
C SER A 92 -36.25 28.00 45.42
N ILE A 93 -35.49 28.13 46.51
CA ILE A 93 -35.98 28.82 47.69
C ILE A 93 -35.96 30.33 47.50
N ASP A 94 -37.10 30.97 47.74
CA ASP A 94 -37.17 32.42 47.63
C ASP A 94 -36.29 33.00 48.71
N ASP A 95 -35.84 34.24 48.50
CA ASP A 95 -34.98 34.91 49.48
C ASP A 95 -35.71 35.14 50.81
N GLU A 96 -37.03 35.08 50.76
CA GLU A 96 -37.86 35.28 51.94
C GLU A 96 -38.00 33.97 52.73
N THR A 97 -37.34 32.92 52.23
CA THR A 97 -37.34 31.59 52.83
C THR A 97 -38.73 31.04 53.18
N GLU A 98 -39.76 31.59 52.53
CA GLU A 98 -41.13 31.17 52.79
C GLU A 98 -41.90 30.81 51.54
N GLU A 99 -41.23 30.76 50.39
CA GLU A 99 -41.89 30.43 49.13
C GLU A 99 -41.03 29.57 48.20
N ILE A 100 -41.62 29.15 47.08
CA ILE A 100 -40.94 28.31 46.09
C ILE A 100 -41.15 28.84 44.68
N ILE A 101 -40.08 29.29 44.02
CA ILE A 101 -40.18 29.81 42.66
C ILE A 101 -40.21 28.65 41.66
N GLN A 102 -41.39 28.34 41.13
CA GLN A 102 -41.56 27.24 40.18
C GLN A 102 -41.24 27.62 38.74
N LYS A 103 -40.07 27.20 38.27
CA LYS A 103 -39.65 27.47 36.89
C LYS A 103 -40.47 26.61 35.94
N HIS A 104 -40.92 27.20 34.84
CA HIS A 104 -41.72 26.48 33.86
C HIS A 104 -40.87 25.97 32.70
N TYR A 105 -39.69 26.56 32.53
CA TYR A 105 -38.75 26.16 31.49
C TYR A 105 -37.65 25.38 32.18
N TYR A 106 -37.07 24.40 31.50
CA TYR A 106 -36.03 23.57 32.10
C TYR A 106 -34.71 23.66 31.33
N ASN A 107 -33.77 24.41 31.88
CA ASN A 107 -32.45 24.61 31.28
C ASN A 107 -31.40 23.83 32.09
N ILE A 108 -31.11 22.60 31.66
CA ILE A 108 -30.15 21.75 32.36
C ILE A 108 -28.69 21.97 31.95
N GLY A 109 -27.81 22.05 32.96
CA GLY A 109 -26.40 22.23 32.71
C GLY A 109 -25.62 20.97 33.06
N ILE A 110 -24.40 20.85 32.55
CA ILE A 110 -23.56 19.69 32.82
C ILE A 110 -22.14 20.10 33.18
N ALA A 111 -21.57 19.47 34.21
CA ALA A 111 -20.21 19.77 34.65
C ALA A 111 -19.16 19.35 33.63
N ALA A 112 -18.24 20.27 33.34
CA ALA A 112 -17.17 20.02 32.38
C ALA A 112 -15.83 20.37 33.00
N ASP A 113 -15.11 19.35 33.46
CA ASP A 113 -13.81 19.53 34.09
C ASP A 113 -12.73 19.94 33.09
N THR A 114 -12.24 21.16 33.20
CA THR A 114 -11.20 21.67 32.32
C THR A 114 -9.87 21.77 33.07
N ASP A 115 -8.89 22.43 32.45
CA ASP A 115 -7.58 22.60 33.08
C ASP A 115 -7.62 23.71 34.13
N ARG A 116 -8.43 24.73 33.87
CA ARG A 116 -8.56 25.86 34.78
C ARG A 116 -9.58 25.63 35.90
N GLY A 117 -10.41 24.61 35.75
CA GLY A 117 -11.40 24.32 36.78
C GLY A 117 -12.68 23.65 36.31
N LEU A 118 -13.76 23.90 37.04
CA LEU A 118 -15.07 23.34 36.72
C LEU A 118 -15.95 24.36 36.01
N LEU A 119 -16.50 23.96 34.87
CA LEU A 119 -17.37 24.82 34.09
C LEU A 119 -18.66 24.06 33.77
N VAL A 120 -19.80 24.65 34.15
CA VAL A 120 -21.09 24.01 33.93
C VAL A 120 -21.91 24.73 32.85
N PRO A 121 -21.70 24.40 31.57
CA PRO A 121 -22.45 25.02 30.48
C PRO A 121 -23.92 24.61 30.50
N VAL A 122 -24.80 25.59 30.37
CA VAL A 122 -26.24 25.35 30.40
C VAL A 122 -26.88 25.20 29.02
N ILE A 123 -27.68 24.14 28.87
CA ILE A 123 -28.39 23.89 27.62
C ILE A 123 -29.80 24.41 27.78
N LYS A 124 -30.12 25.50 27.09
CA LYS A 124 -31.44 26.11 27.17
C LYS A 124 -32.53 25.30 26.47
N HIS A 125 -33.62 25.06 27.21
CA HIS A 125 -34.79 24.33 26.70
C HIS A 125 -34.44 22.97 26.12
N ALA A 126 -33.86 22.11 26.95
CA ALA A 126 -33.49 20.76 26.55
C ALA A 126 -34.72 19.88 26.34
N ASP A 127 -35.89 20.40 26.73
CA ASP A 127 -37.15 19.67 26.59
C ASP A 127 -37.66 19.72 25.15
N ARG A 128 -37.25 20.74 24.42
CA ARG A 128 -37.67 20.93 23.04
C ARG A 128 -36.57 20.54 22.06
N LYS A 129 -35.67 19.65 22.48
CA LYS A 129 -34.56 19.22 21.63
C LYS A 129 -34.29 17.73 21.65
N PRO A 130 -34.10 17.13 20.45
CA PRO A 130 -33.82 15.70 20.31
C PRO A 130 -32.37 15.37 20.71
N ILE A 131 -32.06 14.08 20.84
CA ILE A 131 -30.72 13.63 21.21
C ILE A 131 -29.60 14.17 20.33
N PHE A 132 -29.84 14.20 19.02
CA PHE A 132 -28.84 14.72 18.08
C PHE A 132 -28.58 16.20 18.30
N ALA A 133 -29.65 16.98 18.47
CA ALA A 133 -29.53 18.41 18.70
C ALA A 133 -28.90 18.68 20.06
N LEU A 134 -29.26 17.85 21.04
CA LEU A 134 -28.72 18.00 22.39
C LEU A 134 -27.24 17.63 22.43
N ALA A 135 -26.90 16.50 21.82
CA ALA A 135 -25.53 16.02 21.77
C ALA A 135 -24.65 17.03 21.02
N GLN A 136 -25.19 17.59 19.94
CA GLN A 136 -24.48 18.59 19.15
C GLN A 136 -24.10 19.76 20.05
N GLU A 137 -25.05 20.18 20.88
CA GLU A 137 -24.83 21.29 21.79
C GLU A 137 -23.95 20.93 22.98
N ILE A 138 -24.04 19.68 23.44
CA ILE A 138 -23.23 19.21 24.55
C ILE A 138 -21.76 19.20 24.13
N ASN A 139 -21.51 18.75 22.90
CA ASN A 139 -20.16 18.68 22.35
C ASN A 139 -19.61 20.07 22.05
N GLU A 140 -20.48 20.96 21.61
CA GLU A 140 -20.08 22.33 21.29
C GLU A 140 -19.72 23.12 22.54
N LEU A 141 -20.60 23.07 23.54
CA LEU A 141 -20.37 23.78 24.80
C LEU A 141 -19.21 23.20 25.59
N ALA A 142 -18.91 21.92 25.35
CA ALA A 142 -17.80 21.25 26.04
C ALA A 142 -16.46 21.66 25.44
N GLU A 143 -16.42 21.81 24.12
CA GLU A 143 -15.21 22.20 23.41
C GLU A 143 -14.88 23.67 23.67
N LYS A 144 -15.92 24.49 23.79
CA LYS A 144 -15.76 25.92 24.04
C LYS A 144 -15.30 26.12 25.49
N ALA A 145 -15.64 25.17 26.35
CA ALA A 145 -15.26 25.21 27.76
C ALA A 145 -13.77 24.98 27.93
N ARG A 146 -13.26 23.97 27.25
CA ARG A 146 -11.83 23.62 27.31
C ARG A 146 -10.97 24.70 26.67
N ASP A 147 -11.52 25.40 25.68
CA ASP A 147 -10.80 26.45 24.98
C ASP A 147 -11.01 27.83 25.63
N GLY A 148 -11.83 27.88 26.67
CA GLY A 148 -12.10 29.13 27.36
C GLY A 148 -12.85 30.13 26.51
N LYS A 149 -13.64 29.63 25.55
CA LYS A 149 -14.43 30.47 24.67
C LYS A 149 -15.89 30.58 25.12
N LEU A 150 -16.19 30.03 26.28
CA LEU A 150 -17.56 30.07 26.81
C LEU A 150 -17.91 31.44 27.38
N THR A 151 -18.92 32.08 26.80
CA THR A 151 -19.36 33.38 27.30
C THR A 151 -20.07 33.16 28.63
N PRO A 152 -20.01 34.14 29.54
CA PRO A 152 -20.67 34.01 30.84
C PRO A 152 -22.18 33.85 30.76
N GLY A 153 -22.77 34.21 29.62
CA GLY A 153 -24.19 34.10 29.43
C GLY A 153 -24.68 32.67 29.33
N GLU A 154 -23.80 31.76 28.91
CA GLU A 154 -24.13 30.34 28.78
C GLU A 154 -23.94 29.59 30.09
N MET A 155 -23.54 30.31 31.13
CA MET A 155 -23.32 29.74 32.45
C MET A 155 -24.35 30.24 33.45
N LYS A 156 -25.52 30.65 32.95
CA LYS A 156 -26.57 31.19 33.81
C LYS A 156 -27.94 30.55 33.60
N GLY A 157 -28.81 30.74 34.59
CA GLY A 157 -30.17 30.22 34.53
C GLY A 157 -30.35 28.73 34.35
N ALA A 158 -29.72 27.94 35.21
CA ALA A 158 -29.84 26.48 35.13
C ALA A 158 -30.81 25.96 36.19
N SER A 159 -31.75 25.14 35.78
CA SER A 159 -32.73 24.57 36.70
C SER A 159 -32.09 23.43 37.51
N CYS A 160 -31.44 22.53 36.80
CA CYS A 160 -30.76 21.39 37.42
C CYS A 160 -29.47 21.12 36.67
N THR A 161 -28.60 20.31 37.27
CA THR A 161 -27.32 19.97 36.66
C THR A 161 -27.05 18.47 36.70
N ILE A 162 -26.07 18.05 35.90
CA ILE A 162 -25.69 16.65 35.82
C ILE A 162 -24.17 16.55 35.86
N THR A 163 -23.65 15.83 36.87
CA THR A 163 -22.21 15.66 37.00
C THR A 163 -21.75 14.30 36.47
N ASN A 164 -21.90 14.12 35.16
CA ASN A 164 -21.51 12.87 34.50
C ASN A 164 -19.99 12.68 34.55
N ILE A 165 -19.55 11.59 35.17
CA ILE A 165 -18.12 11.28 35.25
C ILE A 165 -17.92 9.78 35.06
N GLY A 166 -18.87 9.15 34.37
CA GLY A 166 -18.79 7.72 34.10
C GLY A 166 -17.61 7.34 33.25
N SER A 167 -17.12 8.29 32.46
CA SER A 167 -15.97 8.06 31.59
C SER A 167 -14.68 7.87 32.40
N ALA A 168 -14.63 8.52 33.57
CA ALA A 168 -13.49 8.42 34.46
C ALA A 168 -13.56 7.12 35.25
N GLY A 169 -14.45 7.07 36.24
CA GLY A 169 -14.59 5.87 37.04
C GLY A 169 -15.46 5.97 38.27
N GLY A 170 -15.25 5.04 39.20
CA GLY A 170 -16.02 5.04 40.44
C GLY A 170 -17.34 4.30 40.38
N GLN A 171 -17.97 4.17 41.54
CA GLN A 171 -19.26 3.50 41.65
C GLN A 171 -20.31 4.49 42.11
N TRP A 172 -20.13 5.01 43.33
CA TRP A 172 -21.07 5.97 43.91
C TRP A 172 -20.37 7.23 44.40
N PHE A 173 -21.10 8.35 44.38
CA PHE A 173 -20.55 9.63 44.82
C PHE A 173 -21.65 10.44 45.51
N THR A 174 -21.28 11.59 46.06
CA THR A 174 -22.26 12.44 46.75
C THR A 174 -22.14 13.89 46.27
N PRO A 175 -22.50 14.15 45.00
CA PRO A 175 -22.42 15.51 44.44
C PRO A 175 -23.12 16.56 45.27
N VAL A 176 -22.66 17.81 45.15
CA VAL A 176 -23.24 18.92 45.88
C VAL A 176 -23.95 19.88 44.93
N ILE A 177 -25.15 20.27 45.33
CA ILE A 177 -26.01 21.16 44.55
C ILE A 177 -25.46 22.56 44.28
N ASN A 178 -25.46 22.94 43.01
CA ASN A 178 -25.00 24.26 42.57
C ASN A 178 -26.16 25.24 42.73
N HIS A 179 -26.33 25.78 43.93
CA HIS A 179 -27.41 26.70 44.23
C HIS A 179 -27.41 27.98 43.40
N PRO A 180 -28.55 28.70 43.36
CA PRO A 180 -29.84 28.45 44.02
C PRO A 180 -30.63 27.19 43.60
N GLU A 181 -29.99 26.31 42.82
CA GLU A 181 -30.64 25.08 42.38
C GLU A 181 -30.98 24.20 43.59
N VAL A 182 -31.81 23.19 43.35
CA VAL A 182 -32.24 22.29 44.42
C VAL A 182 -31.77 20.84 44.24
N ALA A 183 -31.25 20.51 43.06
CA ALA A 183 -30.81 19.14 42.81
C ALA A 183 -29.73 18.99 41.73
N ILE A 184 -28.90 17.97 41.90
CA ILE A 184 -27.83 17.65 40.96
C ILE A 184 -27.84 16.13 40.70
N LEU A 185 -27.63 15.76 39.44
CA LEU A 185 -27.65 14.36 39.04
C LEU A 185 -26.27 13.76 38.76
N GLY A 186 -25.76 12.97 39.70
CA GLY A 186 -24.47 12.34 39.52
C GLY A 186 -24.59 11.00 38.83
N ILE A 187 -23.59 10.62 38.04
CA ILE A 187 -23.60 9.35 37.32
C ILE A 187 -22.21 8.72 37.26
N GLY A 188 -22.11 7.46 37.69
CA GLY A 188 -20.83 6.78 37.69
C GLY A 188 -20.64 5.76 36.58
N ARG A 189 -19.64 4.89 36.75
CA ARG A 189 -19.33 3.85 35.78
C ARG A 189 -20.44 2.81 35.61
N ILE A 190 -20.51 2.25 34.41
CA ILE A 190 -21.49 1.21 34.10
C ILE A 190 -20.80 -0.12 34.38
N ALA A 191 -21.57 -1.11 34.80
CA ALA A 191 -21.01 -2.43 35.11
C ALA A 191 -22.07 -3.51 35.01
N GLU A 192 -21.75 -4.59 34.30
CA GLU A 192 -22.66 -5.71 34.14
C GLU A 192 -22.90 -6.32 35.52
N LYS A 193 -24.03 -5.98 36.12
CA LYS A 193 -24.38 -6.47 37.44
C LYS A 193 -25.47 -7.53 37.45
N PRO A 194 -25.35 -8.54 38.34
CA PRO A 194 -26.30 -9.63 38.49
C PRO A 194 -27.67 -9.16 39.00
N ILE A 195 -28.71 -9.46 38.22
CA ILE A 195 -30.08 -9.07 38.57
C ILE A 195 -31.00 -10.29 38.46
N VAL A 196 -31.71 -10.59 39.55
CA VAL A 196 -32.62 -11.73 39.59
C VAL A 196 -33.89 -11.52 38.76
N ARG A 197 -34.17 -12.48 37.89
CA ARG A 197 -35.36 -12.45 37.04
C ARG A 197 -36.48 -13.29 37.67
N ASP A 198 -36.61 -13.17 38.98
CA ASP A 198 -37.61 -13.91 39.75
C ASP A 198 -37.31 -15.40 39.85
N GLY A 199 -36.37 -15.87 39.04
CA GLY A 199 -36.00 -17.27 39.05
C GLY A 199 -34.50 -17.46 39.16
N GLU A 200 -33.76 -16.93 38.18
CA GLU A 200 -32.31 -17.04 38.17
C GLU A 200 -31.65 -15.66 38.03
N ILE A 201 -30.36 -15.62 38.33
CA ILE A 201 -29.59 -14.38 38.23
C ILE A 201 -29.10 -14.16 36.80
N VAL A 202 -29.19 -12.93 36.31
CA VAL A 202 -28.77 -12.59 34.96
C VAL A 202 -27.94 -11.30 34.92
N ALA A 203 -26.92 -11.28 34.06
CA ALA A 203 -26.05 -10.12 33.91
C ALA A 203 -26.79 -8.99 33.20
N ALA A 204 -26.64 -7.77 33.71
CA ALA A 204 -27.29 -6.60 33.13
C ALA A 204 -26.61 -5.31 33.56
N PRO A 205 -26.04 -4.57 32.60
CA PRO A 205 -25.35 -3.29 32.90
C PRO A 205 -26.26 -2.29 33.60
N MET A 206 -25.77 -1.73 34.70
CA MET A 206 -26.52 -0.77 35.49
C MET A 206 -25.81 0.58 35.59
N LEU A 207 -26.58 1.65 35.56
CA LEU A 207 -26.04 3.00 35.68
C LEU A 207 -26.18 3.53 37.10
N ALA A 208 -25.09 4.03 37.65
CA ALA A 208 -25.09 4.59 38.99
C ALA A 208 -25.64 6.00 38.92
N LEU A 209 -26.61 6.31 39.76
CA LEU A 209 -27.24 7.63 39.79
C LEU A 209 -27.34 8.19 41.21
N SER A 210 -26.42 9.09 41.57
CA SER A 210 -26.42 9.69 42.90
C SER A 210 -26.89 11.15 42.83
N LEU A 211 -28.06 11.43 43.40
CA LEU A 211 -28.59 12.79 43.36
C LEU A 211 -28.71 13.46 44.73
N SER A 212 -28.18 14.67 44.83
CA SER A 212 -28.26 15.45 46.07
C SER A 212 -29.52 16.31 46.03
N PHE A 213 -30.08 16.61 47.19
CA PHE A 213 -31.31 17.41 47.26
C PHE A 213 -31.33 18.34 48.46
N ASP A 214 -31.99 19.48 48.31
CA ASP A 214 -32.15 20.44 49.40
C ASP A 214 -33.42 20.02 50.11
N HIS A 215 -33.27 19.61 51.36
CA HIS A 215 -34.40 19.13 52.15
C HIS A 215 -35.32 20.20 52.72
N ARG A 216 -34.99 21.46 52.44
CA ARG A 216 -35.83 22.57 52.88
C ARG A 216 -37.00 22.58 51.91
N MET A 217 -36.81 21.92 50.77
CA MET A 217 -37.80 21.83 49.71
C MET A 217 -38.18 20.37 49.46
N ILE A 218 -37.22 19.61 48.93
CA ILE A 218 -37.42 18.20 48.61
C ILE A 218 -37.16 17.29 49.81
N ASP A 219 -38.19 16.51 50.18
CA ASP A 219 -38.11 15.58 51.29
C ASP A 219 -37.41 14.28 50.90
N GLY A 220 -37.61 13.25 51.71
CA GLY A 220 -37.00 11.96 51.44
C GLY A 220 -37.75 11.14 50.42
N ALA A 221 -39.07 11.05 50.59
CA ALA A 221 -39.93 10.28 49.68
C ALA A 221 -40.02 10.86 48.28
N THR A 222 -40.25 12.17 48.18
CA THR A 222 -40.37 12.83 46.88
C THR A 222 -39.07 12.77 46.06
N ALA A 223 -37.94 12.75 46.75
CA ALA A 223 -36.64 12.69 46.10
C ALA A 223 -36.35 11.30 45.54
N GLN A 224 -36.78 10.28 46.27
CA GLN A 224 -36.58 8.89 45.86
C GLN A 224 -37.47 8.53 44.68
N LYS A 225 -38.73 8.94 44.74
CA LYS A 225 -39.68 8.68 43.66
C LYS A 225 -39.11 9.19 42.36
N ALA A 226 -38.52 10.39 42.40
CA ALA A 226 -37.92 11.01 41.24
C ALA A 226 -36.88 10.09 40.62
N LEU A 227 -36.01 9.53 41.47
CA LEU A 227 -34.96 8.61 41.03
C LEU A 227 -35.50 7.27 40.55
N ASN A 228 -36.58 6.81 41.18
CA ASN A 228 -37.20 5.54 40.81
C ASN A 228 -37.84 5.68 39.43
N HIS A 229 -38.38 6.86 39.16
CA HIS A 229 -39.00 7.14 37.88
C HIS A 229 -37.95 7.36 36.80
N ILE A 230 -36.76 7.82 37.21
CA ILE A 230 -35.66 8.04 36.29
C ILE A 230 -35.14 6.65 35.89
N LYS A 231 -35.27 5.69 36.81
CA LYS A 231 -34.84 4.32 36.56
C LYS A 231 -35.72 3.73 35.45
N ARG A 232 -37.03 3.94 35.61
CA ARG A 232 -38.03 3.45 34.67
C ARG A 232 -37.95 4.15 33.32
N LEU A 233 -37.58 5.43 33.32
CA LEU A 233 -37.46 6.19 32.08
C LEU A 233 -36.21 5.79 31.30
N LEU A 234 -35.22 5.27 32.03
CA LEU A 234 -33.97 4.84 31.40
C LEU A 234 -34.08 3.42 30.85
N SER A 235 -34.67 2.52 31.63
CA SER A 235 -34.84 1.13 31.20
C SER A 235 -35.63 1.08 29.89
N ASP A 236 -36.66 1.92 29.79
CA ASP A 236 -37.49 1.99 28.61
C ASP A 236 -37.63 3.45 28.19
N PRO A 237 -36.72 3.92 27.32
CA PRO A 237 -36.72 5.30 26.82
C PRO A 237 -37.97 5.62 26.01
N GLU A 238 -38.74 4.60 25.70
CA GLU A 238 -39.97 4.77 24.94
C GLU A 238 -41.05 5.39 25.84
N LEU A 239 -40.75 5.44 27.14
CA LEU A 239 -41.65 6.03 28.12
C LEU A 239 -41.49 7.55 28.13
N LEU A 240 -40.53 8.04 27.35
CA LEU A 240 -40.27 9.46 27.22
C LEU A 240 -41.10 9.98 26.06
N LEU A 241 -41.32 9.10 25.09
CA LEU A 241 -42.14 9.40 23.92
C LEU A 241 -43.56 9.51 24.44
N MET A 242 -43.88 8.63 25.37
CA MET A 242 -45.20 8.56 26.01
C MET A 242 -45.34 9.67 27.04
N ALA B 1 57.10 -0.57 44.41
CA ALA B 1 57.03 -1.75 43.49
C ALA B 1 57.61 -1.46 42.11
N ALA B 2 58.02 -2.53 41.44
CA ALA B 2 58.59 -2.43 40.10
C ALA B 2 57.52 -2.59 39.03
N ALA B 3 57.79 -2.06 37.83
CA ALA B 3 56.87 -2.13 36.71
C ALA B 3 57.33 -3.03 35.57
N LYS B 4 56.73 -2.82 34.41
CA LYS B 4 57.02 -3.58 33.20
C LYS B 4 58.22 -2.98 32.49
N PRO B 5 59.24 -3.80 32.19
CA PRO B 5 60.43 -3.31 31.50
C PRO B 5 60.09 -2.94 30.05
N ALA B 6 60.62 -1.80 29.60
CA ALA B 6 60.37 -1.32 28.25
C ALA B 6 60.80 -2.32 27.19
N THR B 7 59.90 -2.60 26.25
CA THR B 7 60.17 -3.54 25.18
C THR B 7 60.10 -2.87 23.81
N THR B 8 61.15 -3.04 23.01
CA THR B 8 61.18 -2.48 21.67
C THR B 8 60.28 -3.31 20.77
N GLU B 9 59.00 -2.94 20.75
CA GLU B 9 57.99 -3.62 19.96
C GLU B 9 58.14 -3.44 18.45
N GLY B 10 59.03 -2.54 18.04
CA GLY B 10 59.25 -2.31 16.63
C GLY B 10 60.19 -3.32 16.01
N GLU B 11 60.82 -4.13 16.85
CA GLU B 11 61.77 -5.13 16.40
C GLU B 11 61.09 -6.32 15.71
N PHE B 12 59.90 -6.69 16.17
CA PHE B 12 59.19 -7.82 15.57
C PHE B 12 58.16 -7.36 14.52
N PRO B 13 57.12 -6.58 14.93
CA PRO B 13 56.14 -6.15 13.94
C PRO B 13 56.17 -4.64 13.68
N GLU B 14 55.09 -4.13 13.08
CA GLU B 14 54.94 -2.71 12.80
C GLU B 14 54.05 -2.16 13.92
N THR B 15 54.09 -0.86 14.16
CA THR B 15 53.29 -0.27 15.25
C THR B 15 52.63 1.10 14.99
N ARG B 16 51.67 1.45 15.86
CA ARG B 16 50.93 2.72 15.81
C ARG B 16 50.61 3.09 17.28
N GLU B 17 50.15 4.32 17.53
CA GLU B 17 49.90 4.74 18.91
C GLU B 17 48.72 5.67 19.19
N LYS B 18 48.70 6.17 20.42
CA LYS B 18 47.72 7.12 20.96
C LYS B 18 46.46 6.68 21.71
N MET B 19 46.13 7.45 22.74
CA MET B 19 44.97 7.24 23.61
C MET B 19 44.11 8.50 23.71
N SER B 20 43.25 8.53 24.73
CA SER B 20 42.38 9.69 24.98
C SER B 20 42.41 10.13 26.45
N GLY B 21 41.83 11.30 26.72
CA GLY B 21 41.80 11.83 28.07
C GLY B 21 41.00 11.05 29.11
N ILE B 22 39.78 10.68 28.77
CA ILE B 22 38.92 9.93 29.68
C ILE B 22 39.48 8.56 30.03
N ARG B 23 40.04 7.87 29.05
CA ARG B 23 40.62 6.55 29.26
C ARG B 23 41.77 6.57 30.25
N ARG B 24 42.51 7.68 30.28
CA ARG B 24 43.64 7.84 31.19
C ARG B 24 43.16 8.05 32.63
N ALA B 25 42.02 8.72 32.76
CA ALA B 25 41.43 8.98 34.08
C ALA B 25 40.86 7.69 34.66
N ILE B 26 40.34 6.83 33.78
CA ILE B 26 39.78 5.54 34.18
C ILE B 26 40.92 4.61 34.55
N ALA B 27 41.99 4.66 33.76
CA ALA B 27 43.16 3.84 33.97
C ALA B 27 43.74 4.08 35.36
N LYS B 28 44.04 5.34 35.66
CA LYS B 28 44.59 5.74 36.95
C LYS B 28 43.67 5.38 38.11
N ALA B 29 42.37 5.52 37.89
CA ALA B 29 41.38 5.22 38.91
C ALA B 29 41.38 3.73 39.24
N MET B 30 41.49 2.90 38.21
CA MET B 30 41.52 1.45 38.37
C MET B 30 42.86 0.96 38.88
N VAL B 31 43.86 1.84 38.88
CA VAL B 31 45.19 1.49 39.37
C VAL B 31 45.17 1.66 40.89
N HIS B 32 44.65 2.79 41.33
CA HIS B 32 44.55 3.12 42.75
C HIS B 32 43.59 2.18 43.46
N SER B 33 42.49 1.85 42.80
CA SER B 33 41.47 0.97 43.35
C SER B 33 41.93 -0.45 43.64
N LYS B 34 42.78 -0.99 42.78
CA LYS B 34 43.28 -2.35 42.95
C LYS B 34 44.58 -2.41 43.74
N HIS B 35 45.10 -1.24 44.08
CA HIS B 35 46.33 -1.15 44.86
C HIS B 35 46.02 -0.81 46.32
N THR B 36 44.78 -0.41 46.58
CA THR B 36 44.37 -0.04 47.93
C THR B 36 43.23 -0.90 48.47
N ALA B 37 42.82 -1.90 47.72
CA ALA B 37 41.72 -2.73 48.17
C ALA B 37 41.84 -4.23 47.95
N PRO B 38 41.56 -5.00 49.00
CA PRO B 38 41.60 -6.47 49.00
C PRO B 38 40.45 -6.96 48.14
N HIS B 39 40.75 -7.67 47.07
CA HIS B 39 39.73 -8.15 46.15
C HIS B 39 39.46 -9.65 46.11
N VAL B 40 38.18 -9.98 46.05
CA VAL B 40 37.65 -11.35 45.97
C VAL B 40 36.22 -11.19 45.45
N THR B 41 35.87 -11.98 44.44
CA THR B 41 34.52 -11.90 43.88
C THR B 41 33.64 -13.08 44.27
N LEU B 42 32.35 -12.80 44.48
CA LEU B 42 31.39 -13.82 44.85
C LEU B 42 30.44 -14.07 43.68
N MET B 43 30.31 -15.33 43.30
CA MET B 43 29.44 -15.71 42.18
C MET B 43 28.14 -16.34 42.68
N ASP B 44 27.02 -15.70 42.37
CA ASP B 44 25.70 -16.20 42.78
C ASP B 44 24.68 -16.08 41.66
N GLU B 45 23.90 -17.13 41.44
CA GLU B 45 22.86 -17.12 40.41
C GLU B 45 21.46 -17.06 41.00
N ALA B 46 20.67 -16.10 40.53
CA ALA B 46 19.31 -15.93 41.02
C ALA B 46 18.27 -16.43 40.02
N ASP B 47 17.24 -17.09 40.53
CA ASP B 47 16.16 -17.60 39.70
C ASP B 47 15.33 -16.42 39.19
N VAL B 48 15.42 -16.16 37.89
CA VAL B 48 14.69 -15.04 37.30
C VAL B 48 13.71 -15.56 36.24
N THR B 49 12.86 -16.48 36.67
CA THR B 49 11.85 -17.06 35.78
C THR B 49 10.58 -16.23 35.85
N LYS B 50 10.30 -15.71 37.04
CA LYS B 50 9.11 -14.90 37.28
C LYS B 50 9.33 -13.43 36.94
N LEU B 51 10.55 -12.94 37.12
CA LEU B 51 10.88 -11.55 36.81
C LEU B 51 10.82 -11.29 35.32
N VAL B 52 11.42 -12.19 34.54
CA VAL B 52 11.42 -12.05 33.08
C VAL B 52 9.98 -12.07 32.58
N ALA B 53 9.13 -12.84 33.27
CA ALA B 53 7.71 -12.93 32.91
C ALA B 53 7.02 -11.61 33.22
N HIS B 54 7.45 -10.97 34.31
CA HIS B 54 6.88 -9.69 34.73
C HIS B 54 7.28 -8.59 33.77
N ARG B 55 8.57 -8.53 33.47
CA ARG B 55 9.11 -7.51 32.57
C ARG B 55 8.45 -7.53 31.18
N LYS B 56 8.05 -8.72 30.75
CA LYS B 56 7.42 -8.89 29.45
C LYS B 56 5.93 -8.56 29.46
N LYS B 57 5.30 -8.68 30.63
CA LYS B 57 3.88 -8.37 30.75
C LYS B 57 3.62 -6.88 30.89
N PHE B 58 4.55 -6.18 31.53
CA PHE B 58 4.44 -4.75 31.75
C PHE B 58 4.98 -3.92 30.58
N LYS B 59 5.20 -4.57 29.44
CA LYS B 59 5.71 -3.89 28.24
C LYS B 59 4.72 -2.85 27.71
N ALA B 60 3.43 -3.09 27.94
CA ALA B 60 2.39 -2.17 27.49
C ALA B 60 2.37 -0.89 28.30
N ILE B 61 2.51 -1.02 29.62
CA ILE B 61 2.51 0.13 30.52
C ILE B 61 3.80 0.93 30.37
N ALA B 62 4.85 0.29 29.89
CA ALA B 62 6.15 0.93 29.68
C ALA B 62 6.09 1.91 28.52
N ALA B 63 5.60 1.44 27.39
CA ALA B 63 5.48 2.25 26.18
C ALA B 63 4.54 3.43 26.37
N GLU B 64 3.55 3.26 27.24
CA GLU B 64 2.58 4.32 27.54
C GLU B 64 3.25 5.47 28.25
N LYS B 65 4.32 5.17 28.98
CA LYS B 65 5.07 6.18 29.72
C LYS B 65 6.37 6.52 28.99
N GLY B 66 6.55 5.94 27.80
CA GLY B 66 7.74 6.19 27.00
C GLY B 66 9.03 5.70 27.62
N ILE B 67 9.01 4.49 28.17
CA ILE B 67 10.19 3.90 28.81
C ILE B 67 10.40 2.46 28.35
N LYS B 68 11.65 2.00 28.42
CA LYS B 68 11.98 0.63 28.03
C LYS B 68 12.33 -0.14 29.29
N LEU B 69 11.45 -1.07 29.67
CA LEU B 69 11.67 -1.89 30.87
C LEU B 69 12.76 -2.92 30.69
N THR B 70 13.93 -2.61 31.24
CA THR B 70 15.07 -3.52 31.16
C THR B 70 15.24 -4.23 32.49
N PHE B 71 16.29 -5.04 32.59
CA PHE B 71 16.57 -5.78 33.82
C PHE B 71 17.29 -4.89 34.83
N LEU B 72 17.75 -3.72 34.35
CA LEU B 72 18.49 -2.77 35.17
C LEU B 72 17.69 -2.14 36.32
N PRO B 73 16.51 -1.55 36.03
CA PRO B 73 15.72 -0.94 37.11
C PRO B 73 15.24 -1.90 38.19
N TYR B 74 15.07 -3.17 37.83
CA TYR B 74 14.64 -4.19 38.78
C TYR B 74 15.79 -4.54 39.72
N VAL B 75 17.00 -4.54 39.17
CA VAL B 75 18.20 -4.85 39.94
C VAL B 75 18.53 -3.70 40.89
N VAL B 76 18.39 -2.47 40.42
CA VAL B 76 18.67 -1.29 41.24
C VAL B 76 17.84 -1.33 42.52
N LYS B 77 16.63 -1.88 42.41
CA LYS B 77 15.72 -1.99 43.55
C LYS B 77 16.06 -3.15 44.48
N ALA B 78 16.30 -4.32 43.89
CA ALA B 78 16.64 -5.52 44.65
C ALA B 78 17.86 -5.30 45.51
N LEU B 79 18.71 -4.37 45.09
CA LEU B 79 19.92 -4.04 45.84
C LEU B 79 19.56 -2.93 46.81
N VAL B 80 18.77 -1.98 46.34
CA VAL B 80 18.33 -0.84 47.13
C VAL B 80 17.75 -1.24 48.50
N SER B 81 16.92 -2.28 48.51
CA SER B 81 16.32 -2.75 49.76
C SER B 81 17.28 -3.64 50.53
N ALA B 82 18.11 -4.39 49.79
CA ALA B 82 19.09 -5.28 50.39
C ALA B 82 20.18 -4.47 51.08
N LEU B 83 20.42 -3.27 50.56
CA LEU B 83 21.42 -2.36 51.11
C LEU B 83 20.94 -1.81 52.45
N ARG B 84 19.64 -1.50 52.52
CA ARG B 84 19.04 -1.00 53.74
C ARG B 84 19.16 -2.04 54.85
N GLU B 85 19.01 -3.30 54.46
CA GLU B 85 19.09 -4.42 55.39
C GLU B 85 20.52 -4.67 55.86
N TYR B 86 21.48 -4.46 54.97
CA TYR B 86 22.88 -4.68 55.28
C TYR B 86 23.70 -3.41 55.01
N PRO B 87 23.71 -2.47 55.98
CA PRO B 87 24.42 -1.19 55.91
C PRO B 87 25.93 -1.28 55.72
N VAL B 88 26.51 -2.44 56.00
CA VAL B 88 27.95 -2.63 55.85
C VAL B 88 28.35 -2.63 54.36
N LEU B 89 27.34 -2.66 53.49
CA LEU B 89 27.57 -2.64 52.05
C LEU B 89 27.60 -1.22 51.50
N ASN B 90 26.92 -0.31 52.20
CA ASN B 90 26.85 1.10 51.77
C ASN B 90 27.79 2.00 52.56
N THR B 91 28.88 1.44 53.04
CA THR B 91 29.83 2.22 53.83
C THR B 91 31.14 2.51 53.08
N SER B 92 32.16 2.88 53.84
CA SER B 92 33.48 3.17 53.30
C SER B 92 34.49 3.30 54.43
N ILE B 93 35.75 3.01 54.12
CA ILE B 93 36.82 3.08 55.10
C ILE B 93 37.22 4.52 55.36
N ASP B 94 37.22 4.92 56.63
CA ASP B 94 37.63 6.28 56.99
C ASP B 94 39.11 6.40 56.67
N ASP B 95 39.56 7.64 56.46
CA ASP B 95 40.97 7.87 56.14
C ASP B 95 41.88 7.47 57.30
N GLU B 96 41.30 7.36 58.48
CA GLU B 96 42.05 6.96 59.67
C GLU B 96 42.16 5.44 59.77
N THR B 97 41.62 4.75 58.76
CA THR B 97 41.63 3.29 58.67
C THR B 97 41.19 2.56 59.93
N GLU B 98 40.44 3.26 60.79
CA GLU B 98 39.97 2.68 62.03
C GLU B 98 38.46 2.84 62.26
N GLU B 99 37.75 3.33 61.25
CA GLU B 99 36.31 3.52 61.37
C GLU B 99 35.53 3.20 60.09
N ILE B 100 34.21 3.26 60.16
CA ILE B 100 33.34 2.99 59.01
C ILE B 100 32.26 4.06 58.87
N ILE B 101 32.29 4.80 57.78
CA ILE B 101 31.29 5.84 57.54
C ILE B 101 30.01 5.22 56.97
N GLN B 102 29.00 5.10 57.81
CA GLN B 102 27.72 4.51 57.41
C GLN B 102 26.76 5.49 56.73
N LYS B 103 26.67 5.39 55.41
CA LYS B 103 25.78 6.25 54.63
C LYS B 103 24.34 5.82 54.88
N HIS B 104 23.46 6.80 55.05
CA HIS B 104 22.05 6.50 55.31
C HIS B 104 21.21 6.61 54.04
N TYR B 105 21.76 7.28 53.04
CA TYR B 105 21.09 7.44 51.75
C TYR B 105 21.82 6.51 50.78
N TYR B 106 21.11 5.95 49.81
CA TYR B 106 21.71 5.03 48.87
C TYR B 106 21.62 5.51 47.42
N ASN B 107 22.74 6.03 46.91
CA ASN B 107 22.81 6.54 45.54
C ASN B 107 23.61 5.58 44.67
N ILE B 108 22.92 4.66 44.00
CA ILE B 108 23.57 3.66 43.14
C ILE B 108 23.88 4.14 41.72
N GLY B 109 25.09 3.84 41.27
CA GLY B 109 25.51 4.21 39.91
C GLY B 109 25.64 2.97 39.04
N ILE B 110 25.64 3.17 37.72
CA ILE B 110 25.77 2.05 36.78
C ILE B 110 26.79 2.37 35.69
N ALA B 111 27.63 1.39 35.37
CA ALA B 111 28.66 1.57 34.34
C ALA B 111 28.04 1.70 32.93
N ALA B 112 28.50 2.71 32.20
CA ALA B 112 28.02 2.97 30.85
C ALA B 112 29.20 3.12 29.90
N ASP B 113 29.49 2.04 29.17
CA ASP B 113 30.60 2.03 28.21
C ASP B 113 30.33 2.89 26.99
N THR B 114 31.07 3.98 26.86
CA THR B 114 30.92 4.88 25.72
C THR B 114 32.12 4.75 24.78
N ASP B 115 32.22 5.66 23.82
CA ASP B 115 33.32 5.64 22.86
C ASP B 115 34.60 6.19 23.49
N ARG B 116 34.44 7.17 24.38
CA ARG B 116 35.58 7.80 25.05
C ARG B 116 36.04 7.04 26.30
N GLY B 117 35.21 6.12 26.79
CA GLY B 117 35.58 5.35 27.96
C GLY B 117 34.43 4.87 28.83
N LEU B 118 34.72 4.71 30.13
CA LEU B 118 33.73 4.25 31.10
C LEU B 118 33.17 5.41 31.89
N LEU B 119 31.84 5.50 31.94
CA LEU B 119 31.15 6.55 32.67
C LEU B 119 30.11 5.92 33.58
N VAL B 120 30.20 6.21 34.88
CA VAL B 120 29.26 5.65 35.85
C VAL B 120 28.31 6.69 36.42
N PRO B 121 27.18 6.95 35.73
CA PRO B 121 26.21 7.94 36.19
C PRO B 121 25.50 7.45 37.46
N VAL B 122 25.40 8.34 38.44
CA VAL B 122 24.78 8.01 39.72
C VAL B 122 23.31 8.43 39.82
N ILE B 123 22.48 7.49 40.27
CA ILE B 123 21.05 7.74 40.45
C ILE B 123 20.83 8.04 41.92
N LYS B 124 20.52 9.30 42.23
CA LYS B 124 20.30 9.73 43.61
C LYS B 124 18.99 9.22 44.21
N HIS B 125 19.09 8.63 45.39
CA HIS B 125 17.95 8.09 46.12
C HIS B 125 17.08 7.15 45.31
N ALA B 126 17.69 6.05 44.86
CA ALA B 126 16.99 5.04 44.08
C ALA B 126 16.02 4.24 44.95
N ASP B 127 16.07 4.47 46.26
CA ASP B 127 15.19 3.78 47.20
C ASP B 127 13.80 4.40 47.22
N ARG B 128 13.73 5.67 46.83
CA ARG B 128 12.47 6.41 46.81
C ARG B 128 11.93 6.55 45.38
N LYS B 129 12.31 5.63 44.50
CA LYS B 129 11.86 5.69 43.11
C LYS B 129 11.43 4.34 42.53
N PRO B 130 10.28 4.32 41.83
CA PRO B 130 9.74 3.11 41.20
C PRO B 130 10.51 2.76 39.93
N ILE B 131 10.27 1.56 39.40
CA ILE B 131 10.94 1.07 38.19
C ILE B 131 10.84 2.02 37.00
N PHE B 132 9.66 2.59 36.79
CA PHE B 132 9.44 3.52 35.69
C PHE B 132 10.28 4.79 35.85
N ALA B 133 10.29 5.33 37.06
CA ALA B 133 11.06 6.53 37.35
C ALA B 133 12.56 6.24 37.28
N LEU B 134 12.93 5.05 37.74
CA LEU B 134 14.34 4.64 37.72
C LEU B 134 14.81 4.39 36.30
N ALA B 135 14.01 3.65 35.54
CA ALA B 135 14.33 3.34 34.14
C ALA B 135 14.42 4.62 33.32
N GLN B 136 13.50 5.56 33.60
CA GLN B 136 13.49 6.85 32.90
C GLN B 136 14.82 7.54 33.11
N GLU B 137 15.31 7.51 34.34
CA GLU B 137 16.58 8.13 34.70
C GLU B 137 17.78 7.36 34.19
N ILE B 138 17.68 6.03 34.15
CA ILE B 138 18.76 5.18 33.66
C ILE B 138 18.97 5.45 32.17
N ASN B 139 17.86 5.58 31.43
CA ASN B 139 17.92 5.85 30.00
C ASN B 139 18.39 7.26 29.71
N GLU B 140 18.00 8.20 30.56
CA GLU B 140 18.39 9.60 30.40
C GLU B 140 19.89 9.80 30.66
N LEU B 141 20.36 9.27 31.78
CA LEU B 141 21.77 9.39 32.15
C LEU B 141 22.68 8.61 31.21
N ALA B 142 22.13 7.58 30.56
CA ALA B 142 22.88 6.75 29.63
C ALA B 142 23.06 7.46 28.30
N GLU B 143 22.02 8.17 27.86
CA GLU B 143 22.05 8.90 26.60
C GLU B 143 22.94 10.14 26.71
N LYS B 144 22.93 10.76 27.88
CA LYS B 144 23.74 11.94 28.14
C LYS B 144 25.21 11.54 28.23
N ALA B 145 25.44 10.30 28.62
CA ALA B 145 26.80 9.76 28.76
C ALA B 145 27.45 9.58 27.38
N ARG B 146 26.70 8.99 26.46
CA ARG B 146 27.17 8.74 25.10
C ARG B 146 27.37 10.05 24.34
N ASP B 147 26.59 11.07 24.68
CA ASP B 147 26.67 12.37 24.02
C ASP B 147 27.64 13.32 24.73
N GLY B 148 28.22 12.85 25.83
CA GLY B 148 29.15 13.67 26.60
C GLY B 148 28.51 14.88 27.24
N LYS B 149 27.22 14.78 27.52
CA LYS B 149 26.48 15.87 28.15
C LYS B 149 26.32 15.68 29.66
N LEU B 150 26.98 14.66 30.20
CA LEU B 150 26.91 14.38 31.63
C LEU B 150 27.76 15.35 32.45
N THR B 151 27.11 16.11 33.33
CA THR B 151 27.83 17.04 34.19
C THR B 151 28.59 16.22 35.23
N PRO B 152 29.74 16.72 35.70
CA PRO B 152 30.54 16.00 36.70
C PRO B 152 29.82 15.79 38.02
N GLY B 153 28.77 16.57 38.26
CA GLY B 153 28.00 16.45 39.49
C GLY B 153 27.20 15.16 39.58
N GLU B 154 26.86 14.59 38.43
CA GLU B 154 26.09 13.35 38.37
C GLU B 154 26.99 12.12 38.46
N MET B 155 28.29 12.36 38.61
CA MET B 155 29.27 11.28 38.69
C MET B 155 29.90 11.25 40.09
N LYS B 156 29.18 11.75 41.09
CA LYS B 156 29.69 11.80 42.45
C LYS B 156 28.74 11.22 43.50
N GLY B 157 29.30 10.90 44.67
CA GLY B 157 28.52 10.37 45.77
C GLY B 157 27.74 9.09 45.54
N ALA B 158 28.42 8.05 45.08
CA ALA B 158 27.77 6.77 44.84
C ALA B 158 28.10 5.77 45.95
N SER B 159 27.07 5.14 46.51
CA SER B 159 27.25 4.17 47.58
C SER B 159 27.75 2.85 46.99
N CYS B 160 27.08 2.37 45.95
CA CYS B 160 27.44 1.13 45.29
C CYS B 160 27.24 1.30 43.79
N THR B 161 27.77 0.37 43.02
CA THR B 161 27.63 0.41 41.56
C THR B 161 27.22 -0.93 40.99
N ILE B 162 26.77 -0.91 39.73
CA ILE B 162 26.34 -2.12 39.04
C ILE B 162 26.94 -2.12 37.64
N THR B 163 27.71 -3.15 37.33
CA THR B 163 28.32 -3.27 36.01
C THR B 163 27.56 -4.25 35.12
N ASN B 164 26.33 -3.86 34.77
CA ASN B 164 25.47 -4.67 33.92
C ASN B 164 26.02 -4.77 32.51
N ILE B 165 26.31 -5.98 32.06
CA ILE B 165 26.83 -6.20 30.71
C ILE B 165 26.19 -7.46 30.12
N GLY B 166 25.01 -7.80 30.62
CA GLY B 166 24.29 -8.96 30.15
C GLY B 166 23.88 -8.86 28.69
N SER B 167 23.76 -7.64 28.20
CA SER B 167 23.40 -7.39 26.80
C SER B 167 24.51 -7.82 25.86
N ALA B 168 25.75 -7.73 26.34
CA ALA B 168 26.92 -8.12 25.56
C ALA B 168 27.07 -9.64 25.60
N GLY B 169 27.55 -10.17 26.72
CA GLY B 169 27.71 -11.60 26.84
C GLY B 169 28.46 -12.09 28.07
N GLY B 170 28.97 -13.32 27.97
CA GLY B 170 29.72 -13.90 29.08
C GLY B 170 28.87 -14.63 30.10
N GLN B 171 29.56 -15.29 31.04
CA GLN B 171 28.89 -16.03 32.11
C GLN B 171 29.25 -15.40 33.45
N TRP B 172 30.52 -15.43 33.80
CA TRP B 172 31.00 -14.88 35.06
C TRP B 172 32.16 -13.91 34.86
N PHE B 173 32.27 -12.95 35.77
CA PHE B 173 33.32 -11.95 35.71
C PHE B 173 33.78 -11.58 37.12
N THR B 174 34.81 -10.75 37.22
CA THR B 174 35.32 -10.35 38.53
C THR B 174 35.50 -8.83 38.60
N PRO B 175 34.39 -8.07 38.56
CA PRO B 175 34.45 -6.61 38.61
C PRO B 175 35.27 -6.06 39.77
N VAL B 176 35.80 -4.86 39.58
CA VAL B 176 36.60 -4.21 40.60
C VAL B 176 35.89 -2.98 41.16
N ILE B 177 35.89 -2.88 42.48
CA ILE B 177 35.24 -1.80 43.22
C ILE B 177 35.75 -0.39 42.92
N ASN B 178 34.81 0.50 42.61
CA ASN B 178 35.12 1.91 42.33
C ASN B 178 35.15 2.65 43.67
N HIS B 179 36.30 2.60 44.34
CA HIS B 179 36.47 3.24 45.64
C HIS B 179 36.24 4.75 45.65
N PRO B 180 36.03 5.32 46.84
CA PRO B 180 35.99 4.73 48.19
C PRO B 180 34.86 3.74 48.49
N GLU B 181 34.14 3.32 47.45
CA GLU B 181 33.05 2.35 47.62
C GLU B 181 33.60 1.02 48.14
N VAL B 182 32.70 0.15 48.60
CA VAL B 182 33.11 -1.14 49.14
C VAL B 182 32.60 -2.34 48.32
N ALA B 183 31.68 -2.10 47.39
CA ALA B 183 31.14 -3.20 46.59
C ALA B 183 30.60 -2.80 45.22
N ILE B 184 30.69 -3.74 44.28
CA ILE B 184 30.20 -3.56 42.91
C ILE B 184 29.41 -4.81 42.51
N LEU B 185 28.30 -4.60 41.81
CA LEU B 185 27.43 -5.69 41.39
C LEU B 185 27.52 -6.02 39.89
N GLY B 186 28.22 -7.09 39.56
CA GLY B 186 28.34 -7.50 38.17
C GLY B 186 27.21 -8.43 37.76
N ILE B 187 26.79 -8.36 36.50
CA ILE B 187 25.71 -9.20 35.98
C ILE B 187 25.98 -9.64 34.55
N GLY B 188 25.91 -10.95 34.31
CA GLY B 188 26.16 -11.48 32.98
C GLY B 188 24.91 -11.93 32.22
N ARG B 189 25.13 -12.70 31.17
CA ARG B 189 24.04 -13.21 30.33
C ARG B 189 23.10 -14.15 31.05
N ILE B 190 21.84 -14.14 30.60
CA ILE B 190 20.81 -15.01 31.16
C ILE B 190 20.83 -16.29 30.33
N ALA B 191 20.51 -17.41 30.94
CA ALA B 191 20.50 -18.69 30.24
C ALA B 191 19.61 -19.70 30.94
N GLU B 192 18.73 -20.34 30.16
CA GLU B 192 17.83 -21.35 30.71
C GLU B 192 18.67 -22.51 31.24
N LYS B 193 18.85 -22.53 32.55
CA LYS B 193 19.65 -23.56 33.19
C LYS B 193 18.84 -24.59 33.96
N PRO B 194 19.27 -25.86 33.91
CA PRO B 194 18.61 -26.99 34.58
C PRO B 194 18.67 -26.87 36.11
N ILE B 195 17.51 -26.87 36.75
CA ILE B 195 17.41 -26.77 38.21
C ILE B 195 16.51 -27.88 38.75
N VAL B 196 17.03 -28.67 39.68
CA VAL B 196 16.30 -29.78 40.28
C VAL B 196 15.17 -29.32 41.21
N ARG B 197 13.96 -29.83 40.98
CA ARG B 197 12.80 -29.51 41.80
C ARG B 197 12.57 -30.61 42.83
N ASP B 198 13.67 -31.08 43.42
CA ASP B 198 13.66 -32.14 44.43
C ASP B 198 13.31 -33.51 43.84
N GLY B 199 12.81 -33.52 42.60
CA GLY B 199 12.45 -34.77 41.96
C GLY B 199 13.07 -34.88 40.58
N GLU B 200 12.72 -33.94 39.70
CA GLU B 200 13.24 -33.92 38.34
C GLU B 200 13.89 -32.59 38.00
N ILE B 201 14.66 -32.58 36.92
CA ILE B 201 15.35 -31.38 36.46
C ILE B 201 14.41 -30.54 35.58
N VAL B 202 14.43 -29.23 35.79
CA VAL B 202 13.57 -28.31 35.03
C VAL B 202 14.35 -27.08 34.55
N ALA B 203 14.02 -26.62 33.33
CA ALA B 203 14.67 -25.45 32.75
C ALA B 203 14.19 -24.17 33.44
N ALA B 204 15.14 -23.28 33.74
CA ALA B 204 14.82 -22.03 34.42
C ALA B 204 15.94 -21.00 34.22
N PRO B 205 15.63 -19.88 33.55
CA PRO B 205 16.62 -18.82 33.31
C PRO B 205 17.23 -18.27 34.59
N MET B 206 18.55 -18.21 34.62
CA MET B 206 19.28 -17.73 35.79
C MET B 206 20.14 -16.50 35.47
N LEU B 207 20.22 -15.57 36.42
CA LEU B 207 21.02 -14.38 36.26
C LEU B 207 22.35 -14.52 36.97
N ALA B 208 23.44 -14.23 36.26
CA ALA B 208 24.78 -14.31 36.83
C ALA B 208 25.02 -13.03 37.63
N LEU B 209 25.47 -13.19 38.87
CA LEU B 209 25.73 -12.03 39.74
C LEU B 209 27.09 -12.16 40.42
N SER B 210 28.08 -11.44 39.90
CA SER B 210 29.44 -11.45 40.47
C SER B 210 29.74 -10.15 41.21
N LEU B 211 29.87 -10.23 42.53
CA LEU B 211 30.13 -9.01 43.31
C LEU B 211 31.48 -9.01 44.02
N SER B 212 32.22 -7.92 43.84
CA SER B 212 33.52 -7.75 44.49
C SER B 212 33.30 -7.04 45.83
N PHE B 213 34.18 -7.31 46.79
CA PHE B 213 34.05 -6.70 48.12
C PHE B 213 35.40 -6.38 48.75
N ASP B 214 35.44 -5.32 49.56
CA ASP B 214 36.64 -4.93 50.28
C ASP B 214 36.60 -5.71 51.58
N HIS B 215 37.56 -6.61 51.76
CA HIS B 215 37.61 -7.45 52.95
C HIS B 215 38.11 -6.79 54.23
N ARG B 216 38.48 -5.52 54.11
CA ARG B 216 38.93 -4.75 55.27
C ARG B 216 37.65 -4.41 56.03
N MET B 217 36.53 -4.49 55.33
CA MET B 217 35.21 -4.19 55.87
C MET B 217 34.32 -5.44 55.81
N ILE B 218 33.96 -5.83 54.59
CA ILE B 218 33.09 -6.97 54.34
C ILE B 218 33.86 -8.29 54.30
N ASP B 219 33.48 -9.22 55.19
CA ASP B 219 34.11 -10.52 55.28
C ASP B 219 33.58 -11.48 54.21
N GLY B 220 33.80 -12.78 54.43
CA GLY B 220 33.33 -13.78 53.49
C GLY B 220 31.87 -14.13 53.67
N ALA B 221 31.46 -14.38 54.92
CA ALA B 221 30.08 -14.74 55.22
C ALA B 221 29.07 -13.63 54.98
N THR B 222 29.38 -12.42 55.45
CA THR B 222 28.49 -11.28 55.28
C THR B 222 28.28 -10.89 53.82
N ALA B 223 29.30 -11.13 53.00
CA ALA B 223 29.24 -10.81 51.58
C ALA B 223 28.38 -11.81 50.82
N GLN B 224 28.44 -13.07 51.23
CA GLN B 224 27.66 -14.14 50.60
C GLN B 224 26.18 -14.01 50.93
N LYS B 225 25.88 -13.76 52.21
CA LYS B 225 24.51 -13.60 52.66
C LYS B 225 23.82 -12.53 51.82
N ALA B 226 24.53 -11.44 51.57
CA ALA B 226 24.02 -10.34 50.78
C ALA B 226 23.57 -10.84 49.41
N LEU B 227 24.42 -11.64 48.77
CA LEU B 227 24.11 -12.20 47.46
C LEU B 227 23.00 -13.25 47.50
N ASN B 228 22.94 -14.01 48.60
CA ASN B 228 21.91 -15.03 48.76
C ASN B 228 20.56 -14.37 48.92
N HIS B 229 20.55 -13.22 49.59
CA HIS B 229 19.33 -12.47 49.80
C HIS B 229 18.92 -11.73 48.53
N ILE B 230 19.90 -11.41 47.69
CA ILE B 230 19.64 -10.75 46.42
C ILE B 230 18.99 -11.79 45.50
N LYS B 231 19.36 -13.06 45.70
CA LYS B 231 18.80 -14.16 44.93
C LYS B 231 17.32 -14.27 45.24
N ARG B 232 17.01 -14.24 46.53
CA ARG B 232 15.65 -14.35 47.03
C ARG B 232 14.79 -13.14 46.68
N LEU B 233 15.41 -11.97 46.61
CA LEU B 233 14.70 -10.74 46.28
C LEU B 233 14.40 -10.68 44.78
N LEU B 234 15.19 -11.38 43.99
CA LEU B 234 15.00 -11.42 42.55
C LEU B 234 13.97 -12.47 42.15
N SER B 235 14.06 -13.65 42.75
CA SER B 235 13.11 -14.74 42.44
C SER B 235 11.68 -14.29 42.74
N ASP B 236 11.51 -13.56 43.83
CA ASP B 236 10.21 -13.03 44.22
C ASP B 236 10.35 -11.54 44.53
N PRO B 237 10.14 -10.69 43.52
CA PRO B 237 10.23 -9.24 43.67
C PRO B 237 9.18 -8.68 44.62
N GLU B 238 8.23 -9.53 45.00
CA GLU B 238 7.17 -9.14 45.92
C GLU B 238 7.74 -9.03 47.34
N LEU B 239 8.98 -9.52 47.51
CA LEU B 239 9.67 -9.47 48.79
C LEU B 239 10.30 -8.09 48.98
N LEU B 240 10.20 -7.26 47.95
CA LEU B 240 10.72 -5.89 47.99
C LEU B 240 9.60 -5.00 48.50
N LEU B 241 8.38 -5.39 48.18
CA LEU B 241 7.18 -4.67 48.61
C LEU B 241 7.10 -4.88 50.11
N MET B 242 7.44 -6.10 50.52
CA MET B 242 7.43 -6.51 51.92
C MET B 242 8.66 -5.97 52.65
N ALA C 1 59.46 -15.86 -38.03
CA ALA C 1 58.22 -16.53 -38.50
C ALA C 1 57.39 -15.64 -39.43
N ALA C 2 56.58 -16.28 -40.28
CA ALA C 2 55.72 -15.57 -41.22
C ALA C 2 54.33 -15.34 -40.62
N ALA C 3 53.65 -14.32 -41.14
CA ALA C 3 52.32 -13.96 -40.67
C ALA C 3 51.20 -14.25 -41.67
N LYS C 4 50.06 -13.60 -41.45
CA LYS C 4 48.88 -13.75 -42.28
C LYS C 4 48.97 -12.81 -43.49
N PRO C 5 48.81 -13.36 -44.70
CA PRO C 5 48.87 -12.54 -45.92
C PRO C 5 47.67 -11.60 -45.98
N ALA C 6 47.92 -10.36 -46.37
CA ALA C 6 46.86 -9.35 -46.47
C ALA C 6 45.76 -9.77 -47.44
N THR C 7 44.52 -9.68 -46.98
CA THR C 7 43.38 -10.04 -47.80
C THR C 7 42.44 -8.85 -48.02
N THR C 8 42.12 -8.60 -49.29
CA THR C 8 41.22 -7.51 -49.64
C THR C 8 39.79 -7.92 -49.28
N GLU C 9 39.42 -7.67 -48.03
CA GLU C 9 38.10 -8.02 -47.52
C GLU C 9 36.97 -7.19 -48.11
N GLY C 10 37.31 -6.14 -48.85
CA GLY C 10 36.28 -5.31 -49.47
C GLY C 10 35.76 -5.89 -50.76
N GLU C 11 36.41 -6.93 -51.24
CA GLU C 11 36.02 -7.59 -52.49
C GLU C 11 34.73 -8.40 -52.36
N PHE C 12 34.51 -9.01 -51.20
CA PHE C 12 33.31 -9.81 -51.00
C PHE C 12 32.20 -9.02 -50.29
N PRO C 13 32.43 -8.56 -49.04
CA PRO C 13 31.37 -7.81 -48.36
C PRO C 13 31.73 -6.33 -48.13
N GLU C 14 30.99 -5.70 -47.22
CA GLU C 14 31.23 -4.31 -46.85
C GLU C 14 32.03 -4.35 -45.55
N THR C 15 32.74 -3.28 -45.21
CA THR C 15 33.56 -3.28 -44.00
C THR C 15 33.59 -1.97 -43.16
N ARG C 16 34.07 -2.09 -41.93
CA ARG C 16 34.22 -0.99 -40.97
C ARG C 16 35.47 -1.30 -40.12
N GLU C 17 35.96 -0.34 -39.33
CA GLU C 17 37.18 -0.57 -38.56
C GLU C 17 37.30 0.07 -37.17
N LYS C 18 38.51 -0.01 -36.64
CA LYS C 18 38.95 0.54 -35.35
C LYS C 18 38.90 -0.26 -34.05
N MET C 19 39.94 -0.04 -33.23
CA MET C 19 40.13 -0.68 -31.93
C MET C 19 40.36 0.36 -30.83
N SER C 20 40.90 -0.10 -29.70
CA SER C 20 41.20 0.77 -28.56
C SER C 20 42.61 0.54 -28.01
N GLY C 21 43.05 1.43 -27.11
CA GLY C 21 44.37 1.32 -26.53
C GLY C 21 44.65 0.13 -25.63
N ILE C 22 43.73 -0.14 -24.72
CA ILE C 22 43.89 -1.27 -23.79
C ILE C 22 43.89 -2.62 -24.50
N ARG C 23 43.03 -2.78 -25.49
CA ARG C 23 42.94 -4.02 -26.25
C ARG C 23 44.23 -4.35 -26.98
N ARG C 24 44.96 -3.31 -27.39
CA ARG C 24 46.22 -3.49 -28.10
C ARG C 24 47.32 -3.95 -27.14
N ALA C 25 47.24 -3.48 -25.89
CA ALA C 25 48.21 -3.85 -24.87
C ALA C 25 47.99 -5.31 -24.45
N ILE C 26 46.73 -5.73 -24.45
CA ILE C 26 46.37 -7.10 -24.09
C ILE C 26 46.78 -8.03 -25.23
N ALA C 27 46.54 -7.57 -26.45
CA ALA C 27 46.87 -8.33 -27.65
C ALA C 27 48.36 -8.67 -27.67
N LYS C 28 49.20 -7.63 -27.56
CA LYS C 28 50.65 -7.80 -27.56
C LYS C 28 51.14 -8.68 -26.42
N ALA C 29 50.49 -8.54 -25.26
CA ALA C 29 50.85 -9.33 -24.08
C ALA C 29 50.57 -10.81 -24.31
N MET C 30 49.43 -11.11 -24.93
CA MET C 30 49.05 -12.48 -25.23
C MET C 30 49.82 -13.05 -26.41
N VAL C 31 50.53 -12.19 -27.14
CA VAL C 31 51.34 -12.63 -28.27
C VAL C 31 52.67 -13.13 -27.72
N HIS C 32 53.26 -12.32 -26.84
CA HIS C 32 54.53 -12.66 -26.22
C HIS C 32 54.40 -13.87 -25.31
N SER C 33 53.29 -13.95 -24.60
CA SER C 33 53.03 -15.05 -23.66
C SER C 33 52.92 -16.43 -24.31
N LYS C 34 52.33 -16.49 -25.50
CA LYS C 34 52.16 -17.75 -26.21
C LYS C 34 53.31 -18.06 -27.16
N HIS C 35 54.24 -17.13 -27.26
CA HIS C 35 55.42 -17.28 -28.11
C HIS C 35 56.64 -17.64 -27.28
N THR C 36 56.52 -17.46 -25.96
CA THR C 36 57.64 -17.74 -25.06
C THR C 36 57.33 -18.82 -24.04
N ALA C 37 56.15 -19.43 -24.13
CA ALA C 37 55.80 -20.44 -23.15
C ALA C 37 55.10 -21.69 -23.66
N PRO C 38 55.59 -22.86 -23.25
CA PRO C 38 55.06 -24.18 -23.61
C PRO C 38 53.69 -24.33 -22.94
N HIS C 39 52.65 -24.48 -23.75
CA HIS C 39 51.30 -24.60 -23.20
C HIS C 39 50.59 -25.94 -23.31
N VAL C 40 49.92 -26.29 -22.22
CA VAL C 40 49.14 -27.52 -22.07
C VAL C 40 48.20 -27.25 -20.90
N THR C 41 46.92 -27.56 -21.08
CA THR C 41 45.95 -27.33 -20.01
C THR C 41 45.49 -28.62 -19.33
N LEU C 42 45.27 -28.53 -18.02
CA LEU C 42 44.83 -29.68 -17.24
C LEU C 42 43.38 -29.46 -16.81
N MET C 43 42.54 -30.44 -17.10
CA MET C 43 41.11 -30.36 -16.75
C MET C 43 40.78 -31.22 -15.54
N ASP C 44 40.31 -30.60 -14.46
CA ASP C 44 39.96 -31.30 -13.23
C ASP C 44 38.66 -30.78 -12.63
N GLU C 45 37.78 -31.68 -12.22
CA GLU C 45 36.51 -31.30 -11.62
C GLU C 45 36.49 -31.59 -10.12
N ALA C 46 36.15 -30.58 -9.34
CA ALA C 46 36.08 -30.72 -7.88
C ALA C 46 34.65 -30.81 -7.37
N ASP C 47 34.44 -31.70 -6.40
CA ASP C 47 33.12 -31.87 -5.80
C ASP C 47 32.81 -30.65 -4.94
N VAL C 48 31.86 -29.84 -5.38
CA VAL C 48 31.48 -28.64 -4.66
C VAL C 48 30.02 -28.71 -4.23
N THR C 49 29.70 -29.78 -3.50
CA THR C 49 28.34 -30.00 -3.00
C THR C 49 28.21 -29.35 -1.63
N LYS C 50 29.29 -29.42 -0.87
CA LYS C 50 29.34 -28.87 0.49
C LYS C 50 29.68 -27.39 0.50
N LEU C 51 30.49 -26.94 -0.45
CA LEU C 51 30.88 -25.54 -0.54
C LEU C 51 29.71 -24.66 -0.92
N VAL C 52 28.94 -25.10 -1.92
CA VAL C 52 27.77 -24.35 -2.37
C VAL C 52 26.78 -24.24 -1.22
N ALA C 53 26.73 -25.28 -0.38
CA ALA C 53 25.85 -25.31 0.78
C ALA C 53 26.34 -24.30 1.82
N HIS C 54 27.65 -24.16 1.93
CA HIS C 54 28.27 -23.23 2.88
C HIS C 54 28.03 -21.80 2.43
N ARG C 55 28.30 -21.52 1.17
CA ARG C 55 28.13 -20.19 0.60
C ARG C 55 26.71 -19.66 0.74
N LYS C 56 25.73 -20.56 0.70
CA LYS C 56 24.34 -20.20 0.83
C LYS C 56 23.88 -20.00 2.28
N LYS C 57 24.57 -20.65 3.21
CA LYS C 57 24.24 -20.53 4.62
C LYS C 57 24.81 -19.26 5.25
N PHE C 58 25.97 -18.84 4.75
CA PHE C 58 26.65 -17.66 5.24
C PHE C 58 26.18 -16.37 4.56
N LYS C 59 25.07 -16.44 3.82
CA LYS C 59 24.51 -15.29 3.13
C LYS C 59 24.07 -14.19 4.09
N ALA C 60 23.67 -14.59 5.29
CA ALA C 60 23.23 -13.64 6.31
C ALA C 60 24.39 -12.83 6.87
N ILE C 61 25.50 -13.51 7.15
CA ILE C 61 26.69 -12.87 7.70
C ILE C 61 27.37 -11.99 6.65
N ALA C 62 27.13 -12.30 5.39
CA ALA C 62 27.71 -11.55 4.28
C ALA C 62 27.08 -10.17 4.16
N ALA C 63 25.75 -10.13 4.14
CA ALA C 63 24.99 -8.89 4.03
C ALA C 63 25.23 -7.97 5.23
N GLU C 64 25.51 -8.57 6.38
CA GLU C 64 25.77 -7.81 7.61
C GLU C 64 27.07 -7.03 7.49
N LYS C 65 27.98 -7.55 6.67
CA LYS C 65 29.27 -6.91 6.45
C LYS C 65 29.30 -6.19 5.09
N GLY C 66 28.16 -6.20 4.41
CA GLY C 66 28.04 -5.55 3.12
C GLY C 66 28.89 -6.18 2.02
N ILE C 67 28.89 -7.50 1.95
CA ILE C 67 29.66 -8.22 0.95
C ILE C 67 28.82 -9.31 0.27
N LYS C 68 29.19 -9.67 -0.94
CA LYS C 68 28.50 -10.72 -1.68
C LYS C 68 29.40 -11.94 -1.77
N LEU C 69 29.02 -12.99 -1.05
CA LEU C 69 29.81 -14.22 -1.04
C LEU C 69 29.70 -15.00 -2.34
N THR C 70 30.73 -14.89 -3.16
CA THR C 70 30.77 -15.59 -4.44
C THR C 70 31.70 -16.80 -4.31
N PHE C 71 31.89 -17.50 -5.42
CA PHE C 71 32.76 -18.67 -5.45
C PHE C 71 34.21 -18.26 -5.58
N LEU C 72 34.43 -16.97 -5.90
CA LEU C 72 35.77 -16.43 -6.08
C LEU C 72 36.66 -16.40 -4.83
N PRO C 73 36.17 -15.83 -3.72
CA PRO C 73 36.99 -15.78 -2.50
C PRO C 73 37.36 -17.15 -1.93
N TYR C 74 36.52 -18.15 -2.18
CA TYR C 74 36.77 -19.51 -1.69
C TYR C 74 37.87 -20.15 -2.52
N VAL C 75 37.89 -19.83 -3.81
CA VAL C 75 38.88 -20.36 -4.73
C VAL C 75 40.24 -19.73 -4.47
N VAL C 76 40.25 -18.42 -4.22
CA VAL C 76 41.49 -17.70 -3.95
C VAL C 76 42.23 -18.33 -2.77
N LYS C 77 41.47 -18.86 -1.82
CA LYS C 77 42.02 -19.52 -0.63
C LYS C 77 42.49 -20.94 -0.90
N ALA C 78 41.66 -21.72 -1.58
CA ALA C 78 41.98 -23.10 -1.90
C ALA C 78 43.27 -23.20 -2.70
N LEU C 79 43.60 -22.13 -3.41
CA LEU C 79 44.82 -22.07 -4.19
C LEU C 79 45.92 -21.51 -3.30
N VAL C 80 45.56 -20.51 -2.52
CA VAL C 80 46.48 -19.85 -1.60
C VAL C 80 47.25 -20.83 -0.71
N SER C 81 46.55 -21.83 -0.18
CA SER C 81 47.19 -22.82 0.68
C SER C 81 47.88 -23.90 -0.16
N ALA C 82 47.30 -24.20 -1.32
CA ALA C 82 47.86 -25.20 -2.23
C ALA C 82 49.17 -24.70 -2.82
N LEU C 83 49.28 -23.38 -2.94
CA LEU C 83 50.47 -22.73 -3.47
C LEU C 83 51.60 -22.85 -2.47
N ARG C 84 51.27 -22.68 -1.19
CA ARG C 84 52.27 -22.79 -0.12
C ARG C 84 52.85 -24.20 -0.10
N GLU C 85 52.00 -25.17 -0.36
CA GLU C 85 52.39 -26.58 -0.39
C GLU C 85 53.25 -26.91 -1.60
N TYR C 86 52.95 -26.28 -2.74
CA TYR C 86 53.69 -26.51 -3.98
C TYR C 86 54.25 -25.20 -4.53
N PRO C 87 55.42 -24.77 -4.00
CA PRO C 87 56.12 -23.54 -4.39
C PRO C 87 56.51 -23.44 -5.86
N VAL C 88 56.55 -24.57 -6.57
CA VAL C 88 56.91 -24.57 -7.98
C VAL C 88 55.82 -23.91 -8.82
N LEU C 89 54.68 -23.62 -8.20
CA LEU C 89 53.56 -22.99 -8.88
C LEU C 89 53.64 -21.46 -8.76
N ASN C 90 54.30 -20.98 -7.71
CA ASN C 90 54.44 -19.54 -7.46
C ASN C 90 55.81 -19.00 -7.87
N THR C 91 56.43 -19.65 -8.84
CA THR C 91 57.75 -19.21 -9.28
C THR C 91 57.74 -18.55 -10.66
N SER C 92 58.92 -18.48 -11.27
CA SER C 92 59.10 -17.89 -12.58
C SER C 92 60.49 -18.20 -13.12
N ILE C 93 60.61 -18.23 -14.44
CA ILE C 93 61.89 -18.53 -15.08
C ILE C 93 62.80 -17.32 -15.05
N ASP C 94 64.02 -17.50 -14.54
CA ASP C 94 64.98 -16.41 -14.49
C ASP C 94 65.34 -16.05 -15.93
N ASP C 95 65.80 -14.83 -16.14
CA ASP C 95 66.17 -14.39 -17.47
C ASP C 95 67.35 -15.19 -18.03
N GLU C 96 68.08 -15.84 -17.14
CA GLU C 96 69.23 -16.67 -17.51
C GLU C 96 68.78 -18.06 -17.94
N THR C 97 67.46 -18.28 -17.92
CA THR C 97 66.85 -19.55 -18.29
C THR C 97 67.45 -20.79 -17.63
N GLU C 98 68.14 -20.58 -16.51
CA GLU C 98 68.79 -21.67 -15.80
C GLU C 98 68.45 -21.72 -14.31
N GLU C 99 67.51 -20.89 -13.87
CA GLU C 99 67.11 -20.87 -12.46
C GLU C 99 65.62 -20.64 -12.24
N ILE C 100 65.18 -20.72 -10.99
CA ILE C 100 63.77 -20.54 -10.63
C ILE C 100 63.63 -19.58 -9.45
N ILE C 101 63.01 -18.43 -9.67
CA ILE C 101 62.80 -17.45 -8.59
C ILE C 101 61.59 -17.86 -7.74
N GLN C 102 61.86 -18.41 -6.56
CA GLN C 102 60.79 -18.84 -5.65
C GLN C 102 60.22 -17.72 -4.78
N LYS C 103 59.03 -17.26 -5.15
CA LYS C 103 58.36 -16.20 -4.40
C LYS C 103 57.84 -16.80 -3.09
N HIS C 104 58.01 -16.06 -2.00
CA HIS C 104 57.57 -16.51 -0.69
C HIS C 104 56.20 -15.93 -0.32
N TYR C 105 55.82 -14.85 -0.99
CA TYR C 105 54.54 -14.20 -0.76
C TYR C 105 53.67 -14.58 -1.96
N TYR C 106 52.37 -14.70 -1.75
CA TYR C 106 51.45 -15.10 -2.82
C TYR C 106 50.39 -14.03 -3.10
N ASN C 107 50.59 -13.28 -4.18
CA ASN C 107 49.66 -12.22 -4.57
C ASN C 107 48.87 -12.66 -5.81
N ILE C 108 47.70 -13.23 -5.60
CA ILE C 108 46.86 -13.73 -6.70
C ILE C 108 45.96 -12.67 -7.34
N GLY C 109 45.94 -12.65 -8.68
CA GLY C 109 45.11 -11.72 -9.41
C GLY C 109 43.97 -12.45 -10.10
N ILE C 110 42.93 -11.71 -10.49
CA ILE C 110 41.77 -12.30 -11.16
C ILE C 110 41.36 -11.47 -12.39
N ALA C 111 41.06 -12.14 -13.49
CA ALA C 111 40.66 -11.48 -14.72
C ALA C 111 39.30 -10.80 -14.59
N ALA C 112 39.23 -9.54 -15.02
CA ALA C 112 38.00 -8.76 -14.96
C ALA C 112 37.72 -8.14 -16.33
N ASP C 113 36.81 -8.77 -17.07
CA ASP C 113 36.44 -8.30 -18.40
C ASP C 113 35.63 -7.02 -18.36
N THR C 114 36.22 -5.92 -18.84
CA THR C 114 35.53 -4.63 -18.87
C THR C 114 35.16 -4.28 -20.31
N ASP C 115 34.74 -3.03 -20.51
CA ASP C 115 34.36 -2.56 -21.85
C ASP C 115 35.60 -2.26 -22.69
N ARG C 116 36.64 -1.76 -22.04
CA ARG C 116 37.89 -1.42 -22.72
C ARG C 116 38.82 -2.61 -22.90
N GLY C 117 38.58 -3.70 -22.18
CA GLY C 117 39.42 -4.87 -22.31
C GLY C 117 39.53 -5.76 -21.08
N LEU C 118 40.66 -6.44 -20.96
CA LEU C 118 40.92 -7.34 -19.84
C LEU C 118 41.81 -6.68 -18.80
N LEU C 119 41.35 -6.70 -17.55
CA LEU C 119 42.11 -6.11 -16.44
C LEU C 119 42.22 -7.14 -15.33
N VAL C 120 43.45 -7.44 -14.93
CA VAL C 120 43.69 -8.42 -13.87
C VAL C 120 44.19 -7.79 -12.57
N PRO C 121 43.27 -7.33 -11.71
CA PRO C 121 43.64 -6.71 -10.44
C PRO C 121 44.26 -7.74 -9.49
N VAL C 122 45.38 -7.38 -8.87
CA VAL C 122 46.07 -8.27 -7.96
C VAL C 122 45.75 -8.03 -6.48
N ILE C 123 45.45 -9.12 -5.78
CA ILE C 123 45.13 -9.07 -4.36
C ILE C 123 46.41 -9.44 -3.60
N LYS C 124 47.01 -8.47 -2.94
CA LYS C 124 48.24 -8.69 -2.19
C LYS C 124 48.04 -9.49 -0.90
N HIS C 125 48.85 -10.52 -0.74
CA HIS C 125 48.82 -11.39 0.43
C HIS C 125 47.44 -11.96 0.74
N ALA C 126 46.90 -12.71 -0.21
CA ALA C 126 45.59 -13.34 -0.05
C ALA C 126 45.64 -14.49 0.95
N ASP C 127 46.84 -14.84 1.38
CA ASP C 127 47.05 -15.92 2.34
C ASP C 127 46.75 -15.47 3.77
N ARG C 128 46.86 -14.17 3.99
CA ARG C 128 46.62 -13.58 5.31
C ARG C 128 45.26 -12.88 5.37
N LYS C 129 44.34 -13.30 4.52
CA LYS C 129 43.01 -12.67 4.49
C LYS C 129 41.85 -13.66 4.40
N PRO C 130 40.81 -13.45 5.22
CA PRO C 130 39.61 -14.31 5.24
C PRO C 130 38.72 -14.03 4.03
N ILE C 131 37.72 -14.90 3.81
CA ILE C 131 36.79 -14.76 2.69
C ILE C 131 36.10 -13.41 2.60
N PHE C 132 35.68 -12.88 3.75
CA PHE C 132 35.01 -11.58 3.79
C PHE C 132 35.95 -10.46 3.36
N ALA C 133 37.18 -10.49 3.88
CA ALA C 133 38.16 -9.48 3.52
C ALA C 133 38.58 -9.61 2.07
N LEU C 134 38.68 -10.86 1.60
CA LEU C 134 39.05 -11.13 0.22
C LEU C 134 37.95 -10.71 -0.73
N ALA C 135 36.71 -11.10 -0.42
CA ALA C 135 35.56 -10.75 -1.24
C ALA C 135 35.38 -9.24 -1.30
N GLN C 136 35.60 -8.57 -0.16
CA GLN C 136 35.49 -7.12 -0.08
C GLN C 136 36.44 -6.49 -1.09
N GLU C 137 37.67 -7.03 -1.14
CA GLU C 137 38.70 -6.53 -2.05
C GLU C 137 38.44 -6.93 -3.49
N ILE C 138 37.88 -8.11 -3.70
CA ILE C 138 37.57 -8.60 -5.05
C ILE C 138 36.51 -7.69 -5.67
N ASN C 139 35.51 -7.34 -4.87
CA ASN C 139 34.42 -6.48 -5.32
C ASN C 139 34.88 -5.04 -5.53
N GLU C 140 35.81 -4.59 -4.69
CA GLU C 140 36.34 -3.24 -4.79
C GLU C 140 37.22 -3.07 -6.02
N LEU C 141 38.14 -4.00 -6.22
CA LEU C 141 39.05 -3.96 -7.36
C LEU C 141 38.33 -4.20 -8.68
N ALA C 142 37.19 -4.88 -8.62
CA ALA C 142 36.38 -5.17 -9.80
C ALA C 142 35.59 -3.95 -10.24
N GLU C 143 35.08 -3.20 -9.27
CA GLU C 143 34.31 -1.99 -9.54
C GLU C 143 35.21 -0.87 -10.04
N LYS C 144 36.43 -0.80 -9.51
CA LYS C 144 37.41 0.20 -9.91
C LYS C 144 37.91 -0.10 -11.31
N ALA C 145 37.86 -1.38 -11.69
CA ALA C 145 38.30 -1.83 -13.01
C ALA C 145 37.34 -1.35 -14.09
N ARG C 146 36.05 -1.54 -13.83
CA ARG C 146 35.00 -1.15 -14.77
C ARG C 146 34.92 0.38 -14.91
N ASP C 147 35.27 1.09 -13.85
CA ASP C 147 35.25 2.55 -13.85
C ASP C 147 36.58 3.16 -14.30
N GLY C 148 37.56 2.31 -14.57
CA GLY C 148 38.87 2.78 -15.00
C GLY C 148 39.62 3.55 -13.92
N LYS C 149 39.31 3.26 -12.67
CA LYS C 149 39.95 3.91 -11.53
C LYS C 149 41.09 3.09 -10.94
N LEU C 150 41.42 1.97 -11.59
CA LEU C 150 42.50 1.10 -11.13
C LEU C 150 43.88 1.68 -11.42
N THR C 151 44.65 1.93 -10.37
CA THR C 151 46.00 2.45 -10.54
C THR C 151 46.87 1.32 -11.09
N PRO C 152 47.90 1.64 -11.88
CA PRO C 152 48.78 0.62 -12.44
C PRO C 152 49.53 -0.19 -11.39
N GLY C 153 49.61 0.34 -10.18
CA GLY C 153 50.30 -0.36 -9.10
C GLY C 153 49.58 -1.61 -8.62
N GLU C 154 48.27 -1.64 -8.81
CA GLU C 154 47.45 -2.78 -8.40
C GLU C 154 47.42 -3.87 -9.47
N MET C 155 48.13 -3.63 -10.57
CA MET C 155 48.21 -4.58 -11.68
C MET C 155 49.60 -5.17 -11.81
N LYS C 156 50.35 -5.19 -10.71
CA LYS C 156 51.72 -5.70 -10.72
C LYS C 156 52.01 -6.74 -9.63
N GLY C 157 53.09 -7.49 -9.84
CA GLY C 157 53.52 -8.50 -8.88
C GLY C 157 52.54 -9.60 -8.53
N ALA C 158 52.02 -10.29 -9.54
CA ALA C 158 51.09 -11.39 -9.31
C ALA C 158 51.78 -12.73 -9.47
N SER C 159 51.61 -13.61 -8.48
CA SER C 159 52.22 -14.94 -8.51
C SER C 159 51.44 -15.84 -9.46
N CYS C 160 50.12 -15.87 -9.29
CA CYS C 160 49.24 -16.67 -10.13
C CYS C 160 47.96 -15.89 -10.38
N THR C 161 47.16 -16.36 -11.34
CA THR C 161 45.91 -15.71 -11.68
C THR C 161 44.76 -16.69 -11.78
N ILE C 162 43.53 -16.17 -11.79
CA ILE C 162 42.33 -16.98 -11.88
C ILE C 162 41.39 -16.34 -12.89
N THR C 163 41.05 -17.09 -13.94
CA THR C 163 40.13 -16.59 -14.96
C THR C 163 38.72 -17.13 -14.76
N ASN C 164 38.09 -16.72 -13.67
CA ASN C 164 36.73 -17.13 -13.33
C ASN C 164 35.72 -16.57 -14.32
N ILE C 165 35.00 -17.46 -15.01
CA ILE C 165 34.00 -17.03 -15.98
C ILE C 165 32.78 -17.96 -15.86
N GLY C 166 32.62 -18.55 -14.69
CA GLY C 166 31.49 -19.45 -14.45
C GLY C 166 30.15 -18.75 -14.53
N SER C 167 30.15 -17.44 -14.30
CA SER C 167 28.92 -16.65 -14.36
C SER C 167 28.41 -16.55 -15.80
N ALA C 168 29.33 -16.60 -16.76
CA ALA C 168 28.97 -16.54 -18.18
C ALA C 168 28.50 -17.91 -18.64
N GLY C 169 29.43 -18.83 -18.82
CA GLY C 169 29.07 -20.17 -19.26
C GLY C 169 30.21 -21.09 -19.66
N GLY C 170 29.87 -22.12 -20.44
CA GLY C 170 30.87 -23.07 -20.88
C GLY C 170 31.13 -24.22 -19.94
N GLN C 171 31.94 -25.17 -20.41
CA GLN C 171 32.30 -26.34 -19.62
C GLN C 171 33.81 -26.33 -19.35
N TRP C 172 34.59 -26.43 -20.43
CA TRP C 172 36.04 -26.44 -20.33
C TRP C 172 36.69 -25.41 -21.24
N PHE C 173 37.85 -24.92 -20.83
CA PHE C 173 38.59 -23.91 -21.59
C PHE C 173 40.09 -24.18 -21.46
N THR C 174 40.89 -23.41 -22.19
CA THR C 174 42.34 -23.58 -22.14
C THR C 174 43.03 -22.22 -21.94
N PRO C 175 42.86 -21.60 -20.77
CA PRO C 175 43.47 -20.30 -20.48
C PRO C 175 44.97 -20.25 -20.74
N VAL C 176 45.47 -19.05 -21.00
CA VAL C 176 46.89 -18.85 -21.26
C VAL C 176 47.52 -18.03 -20.15
N ILE C 177 48.67 -18.51 -19.70
CA ILE C 177 49.44 -17.90 -18.62
C ILE C 177 49.92 -16.47 -18.85
N ASN C 178 49.62 -15.60 -17.90
CA ASN C 178 50.04 -14.19 -17.97
C ASN C 178 51.45 -14.11 -17.39
N HIS C 179 52.45 -14.35 -18.23
CA HIS C 179 53.84 -14.33 -17.83
C HIS C 179 54.33 -13.00 -17.27
N PRO C 180 55.46 -13.00 -16.55
CA PRO C 180 56.36 -14.12 -16.20
C PRO C 180 55.80 -15.22 -15.30
N GLU C 181 54.49 -15.20 -15.07
CA GLU C 181 53.84 -16.21 -14.23
C GLU C 181 54.00 -17.59 -14.87
N VAL C 182 53.71 -18.64 -14.09
CA VAL C 182 53.84 -20.00 -14.58
C VAL C 182 52.51 -20.77 -14.65
N ALA C 183 51.45 -20.20 -14.05
CA ALA C 183 50.15 -20.89 -14.06
C ALA C 183 48.94 -19.98 -13.92
N ILE C 184 47.83 -20.41 -14.53
CA ILE C 184 46.56 -19.70 -14.48
C ILE C 184 45.44 -20.69 -14.17
N LEU C 185 44.50 -20.28 -13.33
CA LEU C 185 43.40 -21.13 -12.92
C LEU C 185 42.05 -20.78 -13.55
N GLY C 186 41.65 -21.56 -14.55
CA GLY C 186 40.37 -21.32 -15.21
C GLY C 186 39.23 -22.05 -14.51
N ILE C 187 38.04 -21.47 -14.53
CA ILE C 187 36.88 -22.08 -13.90
C ILE C 187 35.60 -21.84 -14.72
N GLY C 188 34.88 -22.92 -15.02
CA GLY C 188 33.66 -22.81 -15.80
C GLY C 188 32.38 -22.96 -15.01
N ARG C 189 31.28 -23.20 -15.72
CA ARG C 189 29.96 -23.36 -15.12
C ARG C 189 29.84 -24.58 -14.22
N ILE C 190 28.98 -24.46 -13.21
CA ILE C 190 28.73 -25.55 -12.27
C ILE C 190 27.55 -26.34 -12.86
N ALA C 191 27.53 -27.64 -12.61
CA ALA C 191 26.45 -28.48 -13.12
C ALA C 191 26.31 -29.75 -12.30
N GLU C 192 25.08 -30.06 -11.89
CA GLU C 192 24.81 -31.26 -11.12
C GLU C 192 25.15 -32.48 -11.97
N LYS C 193 26.32 -33.05 -11.71
CA LYS C 193 26.78 -34.21 -12.47
C LYS C 193 26.72 -35.52 -11.70
N PRO C 194 26.36 -36.61 -12.40
CA PRO C 194 26.27 -37.95 -11.82
C PRO C 194 27.62 -38.50 -11.37
N ILE C 195 27.70 -38.86 -10.08
CA ILE C 195 28.93 -39.40 -9.49
C ILE C 195 28.60 -40.69 -8.74
N VAL C 196 29.31 -41.76 -9.09
CA VAL C 196 29.11 -43.08 -8.46
C VAL C 196 29.63 -43.14 -7.02
N ARG C 197 28.76 -43.57 -6.10
CA ARG C 197 29.11 -43.72 -4.70
C ARG C 197 29.49 -45.17 -4.41
N ASP C 198 30.23 -45.77 -5.33
CA ASP C 198 30.68 -47.17 -5.22
C ASP C 198 29.53 -48.17 -5.40
N GLY C 199 28.30 -47.68 -5.35
CA GLY C 199 27.15 -48.54 -5.50
C GLY C 199 26.18 -48.01 -6.54
N GLU C 200 25.67 -46.81 -6.31
CA GLU C 200 24.73 -46.17 -7.22
C GLU C 200 25.20 -44.78 -7.63
N ILE C 201 24.59 -44.26 -8.70
CA ILE C 201 24.92 -42.94 -9.21
C ILE C 201 24.14 -41.86 -8.44
N VAL C 202 24.80 -40.77 -8.09
CA VAL C 202 24.18 -39.66 -7.36
C VAL C 202 24.53 -38.30 -7.95
N ALA C 203 23.56 -37.39 -7.94
CA ALA C 203 23.76 -36.05 -8.46
C ALA C 203 24.63 -35.22 -7.52
N ALA C 204 25.58 -34.49 -8.09
CA ALA C 204 26.50 -33.67 -7.29
C ALA C 204 27.15 -32.60 -8.15
N PRO C 205 26.89 -31.31 -7.84
CA PRO C 205 27.46 -30.18 -8.57
C PRO C 205 28.99 -30.22 -8.59
N MET C 206 29.56 -30.08 -9.79
CA MET C 206 31.00 -30.10 -9.97
C MET C 206 31.53 -28.80 -10.58
N LEU C 207 32.71 -28.38 -10.14
CA LEU C 207 33.33 -27.17 -10.66
C LEU C 207 34.40 -27.51 -11.69
N ALA C 208 34.33 -26.88 -12.85
CA ALA C 208 35.31 -27.10 -13.91
C ALA C 208 36.55 -26.28 -13.59
N LEU C 209 37.72 -26.92 -13.63
CA LEU C 209 38.97 -26.25 -13.32
C LEU C 209 40.03 -26.56 -14.37
N SER C 210 40.26 -25.63 -15.29
CA SER C 210 41.26 -25.80 -16.35
C SER C 210 42.48 -24.92 -16.09
N LEU C 211 43.61 -25.55 -15.80
CA LEU C 211 44.83 -24.78 -15.52
C LEU C 211 45.96 -24.99 -16.52
N SER C 212 46.51 -23.87 -17.02
CA SER C 212 47.61 -23.92 -17.96
C SER C 212 48.92 -23.88 -17.16
N PHE C 213 49.98 -24.48 -17.70
CA PHE C 213 51.27 -24.51 -17.03
C PHE C 213 52.45 -24.40 -17.98
N ASP C 214 53.54 -23.79 -17.51
CA ASP C 214 54.76 -23.67 -18.30
C ASP C 214 55.55 -24.93 -18.01
N HIS C 215 55.74 -25.76 -19.02
CA HIS C 215 56.45 -27.03 -18.87
C HIS C 215 57.96 -26.95 -18.77
N ARG C 216 58.48 -25.73 -18.86
CA ARG C 216 59.92 -25.51 -18.72
C ARG C 216 60.20 -25.61 -17.22
N MET C 217 59.13 -25.46 -16.44
CA MET C 217 59.18 -25.52 -14.98
C MET C 217 58.32 -26.66 -14.46
N ILE C 218 57.01 -26.51 -14.62
CA ILE C 218 56.04 -27.50 -14.17
C ILE C 218 55.81 -28.62 -15.18
N ASP C 219 56.06 -29.85 -14.75
CA ASP C 219 55.89 -31.03 -15.60
C ASP C 219 54.42 -31.47 -15.66
N GLY C 220 54.21 -32.72 -16.08
CA GLY C 220 52.86 -33.25 -16.19
C GLY C 220 52.31 -33.74 -14.87
N ALA C 221 53.11 -34.51 -14.14
CA ALA C 221 52.68 -35.07 -12.85
C ALA C 221 52.51 -34.03 -11.76
N THR C 222 53.47 -33.12 -11.62
CA THR C 222 53.40 -32.08 -10.59
C THR C 222 52.24 -31.12 -10.79
N ALA C 223 51.86 -30.91 -12.05
CA ALA C 223 50.76 -30.02 -12.40
C ALA C 223 49.41 -30.65 -12.08
N GLN C 224 49.30 -31.95 -12.28
CA GLN C 224 48.07 -32.69 -12.01
C GLN C 224 47.82 -32.82 -10.52
N LYS C 225 48.88 -33.15 -9.78
CA LYS C 225 48.78 -33.30 -8.32
C LYS C 225 48.20 -32.03 -7.72
N ALA C 226 48.68 -30.89 -8.21
CA ALA C 226 48.23 -29.59 -7.75
C ALA C 226 46.71 -29.48 -7.90
N LEU C 227 46.21 -29.87 -9.07
CA LEU C 227 44.78 -29.83 -9.35
C LEU C 227 43.98 -30.87 -8.55
N ASN C 228 44.60 -32.02 -8.30
CA ASN C 228 43.95 -33.08 -7.54
C ASN C 228 43.79 -32.65 -6.09
N HIS C 229 44.78 -31.89 -5.61
CA HIS C 229 44.78 -31.40 -4.25
C HIS C 229 43.82 -30.22 -4.12
N ILE C 230 43.61 -29.50 -5.24
CA ILE C 230 42.69 -28.37 -5.26
C ILE C 230 41.28 -28.96 -5.20
N LYS C 231 41.11 -30.15 -5.75
CA LYS C 231 39.83 -30.86 -5.74
C LYS C 231 39.47 -31.19 -4.30
N ARG C 232 40.45 -31.74 -3.59
CA ARG C 232 40.30 -32.14 -2.20
C ARG C 232 40.12 -30.95 -1.26
N LEU C 233 40.75 -29.83 -1.58
CA LEU C 233 40.64 -28.63 -0.77
C LEU C 233 39.29 -27.95 -0.96
N LEU C 234 38.67 -28.19 -2.11
CA LEU C 234 37.36 -27.62 -2.42
C LEU C 234 36.24 -28.46 -1.83
N SER C 235 36.33 -29.78 -1.99
CA SER C 235 35.31 -30.68 -1.45
C SER C 235 35.17 -30.49 0.05
N ASP C 236 36.28 -30.32 0.73
CA ASP C 236 36.30 -30.11 2.17
C ASP C 236 37.17 -28.89 2.48
N PRO C 237 36.56 -27.70 2.53
CA PRO C 237 37.26 -26.44 2.82
C PRO C 237 37.87 -26.43 4.22
N GLU C 238 37.49 -27.42 5.03
CA GLU C 238 38.00 -27.53 6.39
C GLU C 238 39.46 -28.02 6.34
N LEU C 239 39.89 -28.44 5.16
CA LEU C 239 41.26 -28.91 4.96
C LEU C 239 42.19 -27.71 4.76
N LEU C 240 41.59 -26.51 4.70
CA LEU C 240 42.34 -25.27 4.53
C LEU C 240 42.67 -24.75 5.92
N LEU C 241 41.77 -25.05 6.87
CA LEU C 241 41.93 -24.67 8.25
C LEU C 241 43.08 -25.51 8.78
N MET C 242 43.10 -26.77 8.33
CA MET C 242 44.12 -27.74 8.70
C MET C 242 45.42 -27.48 7.94
N ALA D 1 -14.66 6.06 -70.58
CA ALA D 1 -15.81 5.58 -69.75
C ALA D 1 -16.57 6.72 -69.08
N ALA D 2 -17.84 6.45 -68.77
CA ALA D 2 -18.71 7.44 -68.12
C ALA D 2 -18.66 7.31 -66.61
N ALA D 3 -18.99 8.40 -65.91
CA ALA D 3 -18.97 8.44 -64.46
C ALA D 3 -20.36 8.53 -63.83
N LYS D 4 -20.37 8.94 -62.56
CA LYS D 4 -21.59 9.09 -61.78
C LYS D 4 -22.23 10.46 -62.06
N PRO D 5 -23.51 10.48 -62.42
CA PRO D 5 -24.20 11.75 -62.69
C PRO D 5 -24.38 12.54 -61.40
N ALA D 6 -24.14 13.85 -61.48
CA ALA D 6 -24.26 14.72 -60.32
C ALA D 6 -25.66 14.69 -59.72
N THR D 7 -25.73 14.49 -58.40
CA THR D 7 -26.99 14.44 -57.70
C THR D 7 -27.11 15.55 -56.65
N THR D 8 -28.20 16.29 -56.71
CA THR D 8 -28.44 17.37 -55.75
C THR D 8 -28.86 16.74 -54.42
N GLU D 9 -27.86 16.41 -53.61
CA GLU D 9 -28.07 15.80 -52.32
C GLU D 9 -28.70 16.72 -51.28
N GLY D 10 -28.81 18.00 -51.60
CA GLY D 10 -29.40 18.95 -50.67
C GLY D 10 -30.92 18.95 -50.75
N GLU D 11 -31.46 18.25 -51.74
CA GLU D 11 -32.91 18.18 -51.93
C GLU D 11 -33.60 17.31 -50.89
N PHE D 12 -32.94 16.25 -50.45
CA PHE D 12 -33.53 15.36 -49.46
C PHE D 12 -33.08 15.68 -48.03
N PRO D 13 -31.76 15.58 -47.72
CA PRO D 13 -31.33 15.90 -46.36
C PRO D 13 -30.44 17.15 -46.28
N GLU D 14 -29.73 17.27 -45.17
CA GLU D 14 -28.81 18.39 -44.96
C GLU D 14 -27.42 17.83 -45.27
N THR D 15 -26.46 18.71 -45.58
CA THR D 15 -25.10 18.24 -45.93
C THR D 15 -23.90 19.06 -45.40
N ARG D 16 -22.73 18.44 -45.46
CA ARG D 16 -21.45 19.04 -45.03
C ARG D 16 -20.37 18.47 -45.97
N GLU D 17 -19.15 19.03 -45.95
CA GLU D 17 -18.11 18.57 -46.87
C GLU D 17 -16.66 18.56 -46.37
N LYS D 18 -15.76 18.33 -47.34
CA LYS D 18 -14.30 18.30 -47.20
C LYS D 18 -13.53 17.02 -46.91
N MET D 19 -12.35 16.95 -47.54
CA MET D 19 -11.42 15.82 -47.44
C MET D 19 -10.01 16.29 -47.05
N SER D 20 -9.03 15.42 -47.28
CA SER D 20 -7.63 15.73 -46.99
C SER D 20 -6.70 15.38 -48.16
N GLY D 21 -5.45 15.82 -48.06
CA GLY D 21 -4.47 15.57 -49.11
C GLY D 21 -4.06 14.13 -49.34
N ILE D 22 -3.75 13.42 -48.26
CA ILE D 22 -3.32 12.03 -48.36
C ILE D 22 -4.42 11.12 -48.90
N ARG D 23 -5.66 11.34 -48.45
CA ARG D 23 -6.80 10.54 -48.90
C ARG D 23 -7.03 10.65 -50.40
N ARG D 24 -6.71 11.81 -50.97
CA ARG D 24 -6.87 12.04 -52.40
C ARG D 24 -5.80 11.28 -53.19
N ALA D 25 -4.62 11.16 -52.62
CA ALA D 25 -3.51 10.45 -53.25
C ALA D 25 -3.79 8.95 -53.24
N ILE D 26 -4.44 8.48 -52.18
CA ILE D 26 -4.79 7.07 -52.03
C ILE D 26 -5.93 6.76 -52.99
N ALA D 27 -6.88 7.69 -53.07
CA ALA D 27 -8.05 7.53 -53.94
C ALA D 27 -7.60 7.33 -55.39
N LYS D 28 -6.80 8.27 -55.89
CA LYS D 28 -6.30 8.22 -57.26
C LYS D 28 -5.48 6.96 -57.53
N ALA D 29 -4.70 6.55 -56.53
CA ALA D 29 -3.87 5.36 -56.65
C ALA D 29 -4.72 4.11 -56.81
N MET D 30 -5.79 4.03 -56.03
CA MET D 30 -6.72 2.90 -56.07
C MET D 30 -7.62 2.95 -57.29
N VAL D 31 -7.62 4.07 -57.99
CA VAL D 31 -8.43 4.23 -59.20
C VAL D 31 -7.63 3.62 -60.36
N HIS D 32 -6.37 4.01 -60.43
CA HIS D 32 -5.47 3.53 -61.47
C HIS D 32 -5.21 2.03 -61.34
N SER D 33 -5.07 1.57 -60.10
CA SER D 33 -4.80 0.17 -59.80
C SER D 33 -5.91 -0.80 -60.22
N LYS D 34 -7.16 -0.37 -60.09
CA LYS D 34 -8.29 -1.22 -60.44
C LYS D 34 -8.76 -1.01 -61.87
N HIS D 35 -8.13 -0.07 -62.55
CA HIS D 35 -8.45 0.24 -63.94
C HIS D 35 -7.39 -0.36 -64.86
N THR D 36 -6.27 -0.77 -64.29
CA THR D 36 -5.18 -1.34 -65.09
C THR D 36 -4.84 -2.78 -64.71
N ALA D 37 -5.61 -3.36 -63.80
CA ALA D 37 -5.30 -4.71 -63.38
C ALA D 37 -6.48 -5.66 -63.18
N PRO D 38 -6.37 -6.87 -63.76
CA PRO D 38 -7.38 -7.93 -63.68
C PRO D 38 -7.40 -8.44 -62.25
N HIS D 39 -8.55 -8.31 -61.58
CA HIS D 39 -8.65 -8.73 -60.19
C HIS D 39 -9.52 -9.94 -59.89
N VAL D 40 -9.01 -10.78 -58.98
CA VAL D 40 -9.64 -12.00 -58.50
C VAL D 40 -8.93 -12.32 -57.19
N THR D 41 -9.69 -12.59 -56.14
CA THR D 41 -9.09 -12.93 -54.85
C THR D 41 -9.17 -14.41 -54.49
N LEU D 42 -8.12 -14.91 -53.85
CA LEU D 42 -8.08 -16.31 -53.45
C LEU D 42 -8.20 -16.39 -51.93
N MET D 43 -9.14 -17.21 -51.45
CA MET D 43 -9.37 -17.38 -50.03
C MET D 43 -8.80 -18.70 -49.53
N ASP D 44 -7.85 -18.63 -48.60
CA ASP D 44 -7.21 -19.82 -48.04
C ASP D 44 -7.02 -19.69 -46.52
N GLU D 45 -7.36 -20.74 -45.78
CA GLU D 45 -7.21 -20.75 -44.33
C GLU D 45 -6.06 -21.65 -43.89
N ALA D 46 -5.16 -21.10 -43.09
CA ALA D 46 -4.01 -21.86 -42.59
C ALA D 46 -4.17 -22.26 -41.13
N ASP D 47 -3.78 -23.48 -40.81
CA ASP D 47 -3.85 -23.99 -39.44
C ASP D 47 -2.80 -23.27 -38.61
N VAL D 48 -3.24 -22.42 -37.70
CA VAL D 48 -2.32 -21.66 -36.85
C VAL D 48 -2.55 -22.02 -35.38
N THR D 49 -2.48 -23.32 -35.09
CA THR D 49 -2.66 -23.82 -33.72
C THR D 49 -1.31 -23.84 -33.01
N LYS D 50 -0.27 -24.16 -33.77
CA LYS D 50 1.09 -24.24 -33.25
C LYS D 50 1.78 -22.89 -33.22
N LEU D 51 1.47 -22.04 -34.19
CA LEU D 51 2.07 -20.70 -34.25
C LEU D 51 1.62 -19.83 -33.10
N VAL D 52 0.32 -19.83 -32.83
CA VAL D 52 -0.24 -19.05 -31.72
C VAL D 52 0.38 -19.52 -30.41
N ALA D 53 0.69 -20.81 -30.33
CA ALA D 53 1.30 -21.40 -29.15
C ALA D 53 2.73 -20.91 -29.03
N HIS D 54 3.40 -20.74 -30.17
CA HIS D 54 4.78 -20.27 -30.21
C HIS D 54 4.85 -18.81 -29.81
N ARG D 55 4.00 -17.99 -30.43
CA ARG D 55 3.96 -16.56 -30.16
C ARG D 55 3.72 -16.24 -28.69
N LYS D 56 2.96 -17.10 -28.01
CA LYS D 56 2.65 -16.92 -26.59
C LYS D 56 3.77 -17.39 -25.67
N LYS D 57 4.58 -18.33 -26.14
CA LYS D 57 5.68 -18.85 -25.34
C LYS D 57 6.90 -17.95 -25.39
N PHE D 58 7.10 -17.28 -26.52
CA PHE D 58 8.22 -16.38 -26.70
C PHE D 58 7.94 -14.96 -26.21
N LYS D 59 6.86 -14.78 -25.45
CA LYS D 59 6.50 -13.48 -24.91
C LYS D 59 7.54 -12.94 -23.94
N ALA D 60 8.25 -13.84 -23.28
CA ALA D 60 9.28 -13.45 -22.31
C ALA D 60 10.52 -12.89 -23.02
N ILE D 61 10.92 -13.55 -24.09
CA ILE D 61 12.09 -13.13 -24.87
C ILE D 61 11.81 -11.84 -25.64
N ALA D 62 10.53 -11.59 -25.90
CA ALA D 62 10.11 -10.39 -26.63
C ALA D 62 10.28 -9.15 -25.77
N ALA D 63 9.75 -9.19 -24.56
CA ALA D 63 9.84 -8.08 -23.62
C ALA D 63 11.28 -7.75 -23.23
N GLU D 64 12.13 -8.77 -23.24
CA GLU D 64 13.54 -8.59 -22.92
C GLU D 64 14.25 -7.76 -23.98
N LYS D 65 13.73 -7.80 -25.20
CA LYS D 65 14.28 -7.05 -26.31
C LYS D 65 13.42 -5.83 -26.62
N GLY D 66 12.40 -5.61 -25.80
CA GLY D 66 11.51 -4.47 -25.96
C GLY D 66 10.68 -4.51 -27.24
N ILE D 67 10.13 -5.68 -27.56
CA ILE D 67 9.31 -5.84 -28.77
C ILE D 67 8.02 -6.58 -28.45
N LYS D 68 7.00 -6.36 -29.28
CA LYS D 68 5.72 -7.02 -29.11
C LYS D 68 5.53 -8.03 -30.24
N LEU D 69 5.61 -9.31 -29.90
CA LEU D 69 5.47 -10.37 -30.89
C LEU D 69 4.03 -10.52 -31.39
N THR D 70 3.78 -10.00 -32.58
CA THR D 70 2.47 -10.07 -33.20
C THR D 70 2.48 -11.16 -34.27
N PHE D 71 1.36 -11.30 -34.97
CA PHE D 71 1.24 -12.28 -36.03
C PHE D 71 1.85 -11.74 -37.32
N LEU D 72 2.15 -10.45 -37.34
CA LEU D 72 2.73 -9.79 -38.50
C LEU D 72 4.13 -10.25 -38.91
N PRO D 73 5.10 -10.25 -37.98
CA PRO D 73 6.46 -10.67 -38.32
C PRO D 73 6.57 -12.13 -38.77
N TYR D 74 5.66 -12.97 -38.31
CA TYR D 74 5.66 -14.38 -38.68
C TYR D 74 5.15 -14.54 -40.11
N VAL D 75 4.19 -13.69 -40.47
CA VAL D 75 3.61 -13.71 -41.81
C VAL D 75 4.60 -13.16 -42.82
N VAL D 76 5.30 -12.08 -42.47
CA VAL D 76 6.28 -11.47 -43.35
C VAL D 76 7.32 -12.50 -43.78
N LYS D 77 7.63 -13.44 -42.90
CA LYS D 77 8.60 -14.50 -43.16
C LYS D 77 8.03 -15.63 -44.00
N ALA D 78 6.84 -16.11 -43.63
CA ALA D 78 6.17 -17.19 -44.33
C ALA D 78 5.97 -16.84 -45.81
N LEU D 79 5.91 -15.55 -46.10
CA LEU D 79 5.74 -15.08 -47.46
C LEU D 79 7.13 -14.89 -48.05
N VAL D 80 8.03 -14.34 -47.25
CA VAL D 80 9.41 -14.09 -47.64
C VAL D 80 10.09 -15.30 -48.28
N SER D 81 9.89 -16.48 -47.69
CA SER D 81 10.48 -17.70 -48.22
C SER D 81 9.65 -18.27 -49.36
N ALA D 82 8.33 -18.07 -49.29
CA ALA D 82 7.42 -18.55 -50.32
C ALA D 82 7.61 -17.74 -51.60
N LEU D 83 8.05 -16.50 -51.44
CA LEU D 83 8.31 -15.60 -52.57
C LEU D 83 9.56 -16.07 -53.31
N ARG D 84 10.56 -16.49 -52.55
CA ARG D 84 11.81 -16.99 -53.12
C ARG D 84 11.54 -18.22 -53.98
N GLU D 85 10.60 -19.05 -53.50
CA GLU D 85 10.21 -20.28 -54.18
C GLU D 85 9.40 -19.99 -55.44
N TYR D 86 8.57 -18.96 -55.39
CA TYR D 86 7.73 -18.58 -56.53
C TYR D 86 7.98 -17.12 -56.93
N PRO D 87 9.03 -16.89 -57.73
CA PRO D 87 9.44 -15.57 -58.23
C PRO D 87 8.40 -14.82 -59.05
N VAL D 88 7.40 -15.52 -59.57
CA VAL D 88 6.35 -14.90 -60.36
C VAL D 88 5.46 -14.01 -59.48
N LEU D 89 5.65 -14.10 -58.18
CA LEU D 89 4.88 -13.30 -57.22
C LEU D 89 5.57 -11.98 -56.92
N ASN D 90 6.89 -11.95 -57.07
CA ASN D 90 7.70 -10.76 -56.80
C ASN D 90 8.09 -10.02 -58.07
N THR D 91 7.28 -10.13 -59.11
CA THR D 91 7.59 -9.45 -60.36
C THR D 91 6.68 -8.27 -60.66
N SER D 92 6.65 -7.87 -61.92
CA SER D 92 5.83 -6.75 -62.38
C SER D 92 5.80 -6.71 -63.90
N ILE D 93 4.73 -6.17 -64.45
CA ILE D 93 4.58 -6.07 -65.90
C ILE D 93 5.43 -4.93 -66.45
N ASP D 94 6.26 -5.24 -67.44
CA ASP D 94 7.08 -4.21 -68.07
C ASP D 94 6.15 -3.26 -68.78
N ASP D 95 6.60 -2.03 -69.01
CA ASP D 95 5.80 -1.02 -69.69
C ASP D 95 5.49 -1.43 -71.13
N GLU D 96 6.27 -2.36 -71.66
CA GLU D 96 6.10 -2.86 -73.01
C GLU D 96 5.04 -3.96 -73.05
N THR D 97 4.46 -4.25 -71.89
CA THR D 97 3.44 -5.28 -71.73
C THR D 97 3.77 -6.64 -72.35
N GLU D 98 5.06 -6.89 -72.57
CA GLU D 98 5.50 -8.13 -73.17
C GLU D 98 6.60 -8.83 -72.38
N GLU D 99 6.91 -8.35 -71.19
CA GLU D 99 7.96 -8.95 -70.37
C GLU D 99 7.63 -8.95 -68.87
N ILE D 100 8.49 -9.58 -68.08
CA ILE D 100 8.32 -9.67 -66.63
C ILE D 100 9.61 -9.32 -65.89
N ILE D 101 9.61 -8.24 -65.14
CA ILE D 101 10.80 -7.84 -64.38
C ILE D 101 10.89 -8.65 -63.07
N GLN D 102 11.78 -9.63 -63.06
CA GLN D 102 11.97 -10.50 -61.89
C GLN D 102 12.89 -9.90 -60.82
N LYS D 103 12.29 -9.39 -59.75
CA LYS D 103 13.05 -8.82 -58.64
C LYS D 103 13.74 -9.95 -57.88
N HIS D 104 14.99 -9.74 -57.51
CA HIS D 104 15.75 -10.75 -56.77
C HIS D 104 15.75 -10.47 -55.27
N TYR D 105 15.44 -9.24 -54.90
CA TYR D 105 15.36 -8.83 -53.50
C TYR D 105 13.88 -8.71 -53.17
N TYR D 106 13.50 -9.00 -51.94
CA TYR D 106 12.10 -8.96 -51.54
C TYR D 106 11.85 -7.95 -50.41
N ASN D 107 11.29 -6.79 -50.78
CA ASN D 107 11.00 -5.73 -49.82
C ASN D 107 9.48 -5.65 -49.61
N ILE D 108 8.98 -6.33 -48.59
CA ILE D 108 7.55 -6.36 -48.29
C ILE D 108 7.05 -5.19 -47.44
N GLY D 109 5.93 -4.60 -47.85
CA GLY D 109 5.34 -3.49 -47.12
C GLY D 109 4.04 -3.93 -46.45
N ILE D 110 3.58 -3.17 -45.46
CA ILE D 110 2.34 -3.48 -44.76
C ILE D 110 1.47 -2.24 -44.59
N ALA D 111 0.16 -2.40 -44.82
CA ALA D 111 -0.79 -1.29 -44.71
C ALA D 111 -0.96 -0.82 -43.26
N ALA D 112 -0.87 0.48 -43.06
CA ALA D 112 -1.00 1.09 -41.74
C ALA D 112 -2.03 2.21 -41.79
N ASP D 113 -3.24 1.91 -41.34
CA ASP D 113 -4.33 2.88 -41.33
C ASP D 113 -4.14 3.97 -40.28
N THR D 114 -3.91 5.19 -40.74
CA THR D 114 -3.71 6.32 -39.84
C THR D 114 -4.93 7.24 -39.88
N ASP D 115 -4.80 8.42 -39.28
CA ASP D 115 -5.90 9.39 -39.27
C ASP D 115 -6.01 10.11 -40.60
N ARG D 116 -4.87 10.34 -41.24
CA ARG D 116 -4.83 11.03 -42.53
C ARG D 116 -5.06 10.09 -43.72
N GLY D 117 -4.96 8.79 -43.49
CA GLY D 117 -5.17 7.85 -44.58
C GLY D 117 -4.44 6.52 -44.48
N LEU D 118 -4.14 5.94 -45.63
CA LEU D 118 -3.44 4.66 -45.69
C LEU D 118 -1.96 4.87 -46.02
N LEU D 119 -1.10 4.28 -45.21
CA LEU D 119 0.35 4.38 -45.40
C LEU D 119 0.94 2.98 -45.38
N VAL D 120 1.66 2.62 -46.44
CA VAL D 120 2.26 1.30 -46.54
C VAL D 120 3.79 1.35 -46.42
N PRO D 121 4.33 1.32 -45.19
CA PRO D 121 5.77 1.36 -44.98
C PRO D 121 6.44 0.06 -45.46
N VAL D 122 7.51 0.20 -46.21
CA VAL D 122 8.23 -0.96 -46.76
C VAL D 122 9.43 -1.40 -45.92
N ILE D 123 9.49 -2.71 -45.66
CA ILE D 123 10.59 -3.29 -44.89
C ILE D 123 11.58 -3.87 -45.89
N LYS D 124 12.74 -3.23 -46.01
CA LYS D 124 13.76 -3.67 -46.95
C LYS D 124 14.47 -4.95 -46.53
N HIS D 125 14.53 -5.91 -47.45
CA HIS D 125 15.19 -7.20 -47.23
C HIS D 125 14.70 -7.93 -45.99
N ALA D 126 13.40 -8.24 -45.97
CA ALA D 126 12.80 -8.96 -44.86
C ALA D 126 13.22 -10.42 -44.83
N ASP D 127 13.93 -10.85 -45.88
CA ASP D 127 14.41 -12.22 -46.00
C ASP D 127 15.66 -12.44 -45.15
N ARG D 128 16.38 -11.35 -44.90
CA ARG D 128 17.61 -11.41 -44.11
C ARG D 128 17.39 -10.90 -42.68
N LYS D 129 16.17 -10.97 -42.20
CA LYS D 129 15.84 -10.48 -40.86
C LYS D 129 14.95 -11.41 -40.04
N PRO D 130 15.31 -11.64 -38.77
CA PRO D 130 14.55 -12.51 -37.85
C PRO D 130 13.28 -11.79 -37.37
N ILE D 131 12.38 -12.54 -36.72
CA ILE D 131 11.12 -12.00 -36.21
C ILE D 131 11.29 -10.79 -35.30
N PHE D 132 12.29 -10.83 -34.41
CA PHE D 132 12.54 -9.73 -33.49
C PHE D 132 12.97 -8.47 -34.25
N ALA D 133 13.87 -8.64 -35.21
CA ALA D 133 14.35 -7.51 -36.01
C ALA D 133 13.23 -6.99 -36.91
N LEU D 134 12.40 -7.89 -37.42
CA LEU D 134 11.29 -7.52 -38.27
C LEU D 134 10.22 -6.80 -37.48
N ALA D 135 9.84 -7.37 -36.33
CA ALA D 135 8.83 -6.78 -35.46
C ALA D 135 9.28 -5.41 -34.98
N GLN D 136 10.57 -5.28 -34.66
CA GLN D 136 11.15 -4.02 -34.21
C GLN D 136 10.90 -2.96 -35.27
N GLU D 137 11.14 -3.33 -36.53
CA GLU D 137 10.97 -2.43 -37.65
C GLU D 137 9.50 -2.19 -37.99
N ILE D 138 8.66 -3.19 -37.80
CA ILE D 138 7.23 -3.07 -38.06
C ILE D 138 6.62 -2.06 -37.09
N ASN D 139 7.05 -2.15 -35.83
CA ASN D 139 6.56 -1.26 -34.79
C ASN D 139 7.10 0.15 -34.96
N GLU D 140 8.33 0.27 -35.43
CA GLU D 140 8.97 1.56 -35.66
C GLU D 140 8.33 2.30 -36.82
N LEU D 141 8.19 1.61 -37.95
CA LEU D 141 7.60 2.21 -39.15
C LEU D 141 6.11 2.51 -38.96
N ALA D 142 5.47 1.79 -38.05
CA ALA D 142 4.05 1.99 -37.77
C ALA D 142 3.82 3.23 -36.91
N GLU D 143 4.72 3.45 -35.95
CA GLU D 143 4.64 4.60 -35.06
C GLU D 143 4.99 5.89 -35.81
N LYS D 144 5.94 5.79 -36.74
CA LYS D 144 6.37 6.93 -37.54
C LYS D 144 5.26 7.29 -38.53
N ALA D 145 4.45 6.31 -38.89
CA ALA D 145 3.35 6.51 -39.82
C ALA D 145 2.24 7.33 -39.18
N ARG D 146 1.88 6.97 -37.96
CA ARG D 146 0.83 7.66 -37.22
C ARG D 146 1.25 9.08 -36.85
N ASP D 147 2.55 9.29 -36.67
CA ASP D 147 3.08 10.60 -36.32
C ASP D 147 3.46 11.44 -37.54
N GLY D 148 3.30 10.85 -38.73
CA GLY D 148 3.62 11.54 -39.95
C GLY D 148 5.10 11.83 -40.13
N LYS D 149 5.94 10.99 -39.50
CA LYS D 149 7.38 11.15 -39.57
C LYS D 149 8.01 10.22 -40.61
N LEU D 150 7.18 9.52 -41.37
CA LEU D 150 7.67 8.60 -42.41
C LEU D 150 8.17 9.34 -43.64
N THR D 151 9.46 9.17 -43.94
CA THR D 151 10.03 9.80 -45.12
C THR D 151 9.49 9.07 -46.35
N PRO D 152 9.35 9.77 -47.49
CA PRO D 152 8.84 9.15 -48.71
C PRO D 152 9.71 8.02 -49.25
N GLY D 153 10.96 7.98 -48.79
CA GLY D 153 11.88 6.94 -49.23
C GLY D 153 11.53 5.56 -48.70
N GLU D 154 10.85 5.51 -47.57
CA GLU D 154 10.45 4.26 -46.93
C GLU D 154 9.12 3.74 -47.50
N MET D 155 8.57 4.48 -48.46
CA MET D 155 7.31 4.12 -49.09
C MET D 155 7.53 3.73 -50.55
N LYS D 156 8.74 3.28 -50.88
CA LYS D 156 9.07 2.92 -52.26
C LYS D 156 9.71 1.53 -52.40
N GLY D 157 9.69 1.02 -53.63
CA GLY D 157 10.27 -0.26 -53.94
C GLY D 157 9.77 -1.48 -53.17
N ALA D 158 8.46 -1.70 -53.19
CA ALA D 158 7.89 -2.85 -52.50
C ALA D 158 7.52 -3.94 -53.49
N SER D 159 7.95 -5.17 -53.21
CA SER D 159 7.66 -6.30 -54.07
C SER D 159 6.22 -6.77 -53.86
N CYS D 160 5.85 -6.95 -52.61
CA CYS D 160 4.50 -7.38 -52.25
C CYS D 160 4.06 -6.64 -50.98
N THR D 161 2.78 -6.71 -50.68
CA THR D 161 2.26 -6.05 -49.48
C THR D 161 1.34 -6.97 -48.69
N ILE D 162 1.07 -6.58 -47.45
CA ILE D 162 0.21 -7.35 -46.56
C ILE D 162 -0.78 -6.41 -45.87
N THR D 163 -2.07 -6.65 -46.06
CA THR D 163 -3.09 -5.82 -45.45
C THR D 163 -3.68 -6.48 -44.22
N ASN D 164 -2.86 -6.62 -43.18
CA ASN D 164 -3.26 -7.24 -41.92
C ASN D 164 -4.28 -6.37 -41.19
N ILE D 165 -5.46 -6.92 -40.96
CA ILE D 165 -6.52 -6.19 -40.25
C ILE D 165 -7.24 -7.15 -39.31
N GLY D 166 -6.54 -8.20 -38.89
CA GLY D 166 -7.11 -9.19 -37.99
C GLY D 166 -7.45 -8.61 -36.63
N SER D 167 -6.76 -7.53 -36.26
CA SER D 167 -7.01 -6.87 -34.98
C SER D 167 -8.38 -6.21 -34.96
N ALA D 168 -8.84 -5.77 -36.12
CA ALA D 168 -10.14 -5.12 -36.25
C ALA D 168 -11.23 -6.19 -36.27
N GLY D 169 -11.37 -6.88 -37.40
CA GLY D 169 -12.38 -7.92 -37.50
C GLY D 169 -12.61 -8.51 -38.88
N GLY D 170 -13.78 -9.11 -39.06
CA GLY D 170 -14.13 -9.72 -40.34
C GLY D 170 -13.66 -11.14 -40.54
N GLN D 171 -14.09 -11.74 -41.63
CA GLN D 171 -13.72 -13.10 -41.97
C GLN D 171 -12.91 -13.12 -43.27
N TRP D 172 -13.55 -12.69 -44.36
CA TRP D 172 -12.90 -12.65 -45.66
C TRP D 172 -13.02 -11.28 -46.32
N PHE D 173 -12.04 -10.95 -47.15
CA PHE D 173 -12.02 -9.66 -47.85
C PHE D 173 -11.42 -9.85 -49.24
N THR D 174 -11.43 -8.80 -50.04
CA THR D 174 -10.89 -8.87 -51.40
C THR D 174 -9.95 -7.69 -51.67
N PRO D 175 -8.79 -7.65 -50.98
CA PRO D 175 -7.83 -6.56 -51.15
C PRO D 175 -7.43 -6.31 -52.60
N VAL D 176 -7.02 -5.07 -52.88
CA VAL D 176 -6.60 -4.69 -54.22
C VAL D 176 -5.11 -4.39 -54.26
N ILE D 177 -4.46 -4.94 -55.28
CA ILE D 177 -3.03 -4.81 -55.49
C ILE D 177 -2.50 -3.39 -55.69
N ASN D 178 -1.48 -3.03 -54.91
CA ASN D 178 -0.85 -1.72 -55.00
C ASN D 178 0.22 -1.78 -56.09
N HIS D 179 -0.20 -1.58 -57.33
CA HIS D 179 0.70 -1.64 -58.47
C HIS D 179 1.86 -0.65 -58.43
N PRO D 180 2.90 -0.88 -59.25
CA PRO D 180 3.12 -1.98 -60.21
C PRO D 180 3.25 -3.40 -59.63
N GLU D 181 2.94 -3.57 -58.35
CA GLU D 181 3.02 -4.89 -57.72
C GLU D 181 2.03 -5.85 -58.38
N VAL D 182 2.17 -7.14 -58.10
CA VAL D 182 1.30 -8.15 -58.67
C VAL D 182 0.45 -8.90 -57.64
N ALA D 183 0.74 -8.71 -56.36
CA ALA D 183 -0.03 -9.40 -55.33
C ALA D 183 -0.05 -8.73 -53.96
N ILE D 184 -1.15 -8.93 -53.24
CA ILE D 184 -1.34 -8.39 -51.90
C ILE D 184 -1.89 -9.50 -51.00
N LEU D 185 -1.39 -9.54 -49.76
CA LEU D 185 -1.79 -10.57 -48.80
C LEU D 185 -2.73 -10.07 -47.69
N GLY D 186 -4.02 -10.36 -47.82
CA GLY D 186 -4.99 -9.94 -46.81
C GLY D 186 -5.11 -10.99 -45.71
N ILE D 187 -5.38 -10.53 -44.48
CA ILE D 187 -5.53 -11.43 -43.34
C ILE D 187 -6.63 -10.95 -42.39
N GLY D 188 -7.56 -11.84 -42.08
CA GLY D 188 -8.66 -11.48 -41.18
C GLY D 188 -8.55 -12.05 -39.78
N ARG D 189 -9.67 -12.01 -39.05
CA ARG D 189 -9.74 -12.52 -37.69
C ARG D 189 -9.48 -14.01 -37.56
N ILE D 190 -8.93 -14.39 -36.42
CA ILE D 190 -8.65 -15.79 -36.12
C ILE D 190 -9.89 -16.33 -35.40
N ALA D 191 -10.18 -17.61 -35.59
CA ALA D 191 -11.34 -18.23 -34.96
C ALA D 191 -11.18 -19.73 -34.85
N GLU D 192 -11.43 -20.26 -33.65
CA GLU D 192 -11.34 -21.69 -33.42
C GLU D 192 -12.38 -22.40 -34.28
N LYS D 193 -11.93 -22.95 -35.40
CA LYS D 193 -12.81 -23.63 -36.33
C LYS D 193 -12.68 -25.15 -36.33
N PRO D 194 -13.81 -25.85 -36.48
CA PRO D 194 -13.87 -27.32 -36.49
C PRO D 194 -13.15 -27.92 -37.70
N ILE D 195 -12.18 -28.79 -37.43
CA ILE D 195 -11.40 -29.45 -38.49
C ILE D 195 -11.38 -30.97 -38.24
N VAL D 196 -11.81 -31.73 -39.24
CA VAL D 196 -11.85 -33.18 -39.15
C VAL D 196 -10.45 -33.83 -39.16
N ARG D 197 -10.19 -34.67 -38.18
CA ARG D 197 -8.92 -35.39 -38.07
C ARG D 197 -9.07 -36.80 -38.64
N ASP D 198 -9.77 -36.89 -39.76
CA ASP D 198 -10.03 -38.16 -40.44
C ASP D 198 -11.01 -39.06 -39.68
N GLY D 199 -11.26 -38.72 -38.43
CA GLY D 199 -12.16 -39.51 -37.61
C GLY D 199 -13.22 -38.64 -36.94
N GLU D 200 -12.77 -37.70 -36.13
CA GLU D 200 -13.68 -36.80 -35.42
C GLU D 200 -13.32 -35.34 -35.67
N ILE D 201 -14.25 -34.45 -35.35
CA ILE D 201 -14.05 -33.02 -35.51
C ILE D 201 -13.32 -32.43 -34.30
N VAL D 202 -12.35 -31.55 -34.56
CA VAL D 202 -11.56 -30.92 -33.49
C VAL D 202 -11.41 -29.42 -33.71
N ALA D 203 -11.46 -28.66 -32.61
CA ALA D 203 -11.31 -27.21 -32.65
C ALA D 203 -9.87 -26.83 -32.97
N ALA D 204 -9.70 -25.86 -33.86
CA ALA D 204 -8.37 -25.40 -34.25
C ALA D 204 -8.43 -24.01 -34.90
N PRO D 205 -7.78 -23.02 -34.27
CA PRO D 205 -7.77 -21.64 -34.78
C PRO D 205 -7.19 -21.55 -36.20
N MET D 206 -7.92 -20.88 -37.08
CA MET D 206 -7.52 -20.73 -38.47
C MET D 206 -7.35 -19.26 -38.87
N LEU D 207 -6.35 -18.99 -39.71
CA LEU D 207 -6.10 -17.64 -40.18
C LEU D 207 -6.67 -17.44 -41.57
N ALA D 208 -7.43 -16.37 -41.74
CA ALA D 208 -8.03 -16.06 -43.03
C ALA D 208 -6.97 -15.37 -43.89
N LEU D 209 -6.78 -15.85 -45.12
CA LEU D 209 -5.78 -15.29 -46.02
C LEU D 209 -6.37 -15.05 -47.42
N SER D 210 -6.71 -13.80 -47.71
CA SER D 210 -7.27 -13.43 -49.00
C SER D 210 -6.25 -12.67 -49.84
N LEU D 211 -5.79 -13.28 -50.93
CA LEU D 211 -4.79 -12.64 -51.78
C LEU D 211 -5.27 -12.31 -53.19
N SER D 212 -5.06 -11.08 -53.61
CA SER D 212 -5.43 -10.63 -54.94
C SER D 212 -4.24 -10.85 -55.87
N PHE D 213 -4.51 -11.09 -57.16
CA PHE D 213 -3.44 -11.30 -58.13
C PHE D 213 -3.75 -10.73 -59.50
N ASP D 214 -2.70 -10.31 -60.21
CA ASP D 214 -2.83 -9.78 -61.56
C ASP D 214 -2.75 -11.00 -62.47
N HIS D 215 -3.84 -11.28 -63.17
CA HIS D 215 -3.91 -12.45 -64.05
C HIS D 215 -3.20 -12.31 -65.38
N ARG D 216 -2.62 -11.15 -65.63
CA ARG D 216 -1.86 -10.92 -66.85
C ARG D 216 -0.53 -11.63 -66.63
N MET D 217 -0.23 -11.90 -65.36
CA MET D 217 0.99 -12.58 -64.95
C MET D 217 0.66 -13.89 -64.25
N ILE D 218 0.08 -13.77 -63.06
CA ILE D 218 -0.29 -14.93 -62.24
C ILE D 218 -1.66 -15.51 -62.61
N ASP D 219 -1.65 -16.79 -62.97
CA ASP D 219 -2.87 -17.49 -63.36
C ASP D 219 -3.67 -17.96 -62.14
N GLY D 220 -4.57 -18.91 -62.36
CA GLY D 220 -5.38 -19.44 -61.28
C GLY D 220 -4.67 -20.48 -60.45
N ALA D 221 -4.04 -21.44 -61.11
CA ALA D 221 -3.33 -22.52 -60.43
C ALA D 221 -2.08 -22.07 -59.67
N THR D 222 -1.25 -21.26 -60.32
CA THR D 222 -0.03 -20.76 -59.69
C THR D 222 -0.29 -19.88 -58.47
N ALA D 223 -1.43 -19.18 -58.48
CA ALA D 223 -1.81 -18.31 -57.39
C ALA D 223 -2.30 -19.09 -56.18
N GLN D 224 -3.00 -20.20 -56.44
CA GLN D 224 -3.53 -21.06 -55.38
C GLN D 224 -2.42 -21.83 -54.70
N LYS D 225 -1.51 -22.38 -55.50
CA LYS D 225 -0.38 -23.14 -54.98
C LYS D 225 0.37 -22.29 -53.97
N ALA D 226 0.58 -21.03 -54.31
CA ALA D 226 1.26 -20.07 -53.44
C ALA D 226 0.59 -20.02 -52.08
N LEU D 227 -0.74 -19.91 -52.08
CA LEU D 227 -1.52 -19.85 -50.85
C LEU D 227 -1.54 -21.18 -50.09
N ASN D 228 -1.53 -22.28 -50.83
CA ASN D 228 -1.53 -23.60 -50.22
C ASN D 228 -0.21 -23.85 -49.52
N HIS D 229 0.86 -23.31 -50.10
CA HIS D 229 2.19 -23.44 -49.53
C HIS D 229 2.36 -22.50 -48.35
N ILE D 230 1.62 -21.40 -48.37
CA ILE D 230 1.65 -20.44 -47.27
C ILE D 230 0.94 -21.08 -46.08
N LYS D 231 -0.04 -21.93 -46.39
CA LYS D 231 -0.80 -22.64 -45.36
C LYS D 231 0.15 -23.60 -44.63
N ARG D 232 0.93 -24.33 -45.43
CA ARG D 232 1.89 -25.30 -44.91
C ARG D 232 3.05 -24.65 -44.18
N LEU D 233 3.44 -23.46 -44.62
CA LEU D 233 4.54 -22.74 -43.97
C LEU D 233 4.09 -22.13 -42.65
N LEU D 234 2.80 -21.89 -42.52
CA LEU D 234 2.24 -21.33 -41.28
C LEU D 234 1.99 -22.42 -40.25
N SER D 235 1.40 -23.53 -40.67
CA SER D 235 1.11 -24.64 -39.76
C SER D 235 2.39 -25.13 -39.10
N ASP D 236 3.47 -25.19 -39.87
CA ASP D 236 4.76 -25.62 -39.37
C ASP D 236 5.81 -24.60 -39.79
N PRO D 237 6.06 -23.59 -38.95
CA PRO D 237 7.05 -22.54 -39.22
C PRO D 237 8.47 -23.09 -39.31
N GLU D 238 8.63 -24.36 -38.91
CA GLU D 238 9.93 -25.01 -38.97
C GLU D 238 10.28 -25.33 -40.42
N LEU D 239 9.31 -25.17 -41.31
CA LEU D 239 9.49 -25.42 -42.74
C LEU D 239 10.13 -24.18 -43.39
N LEU D 240 10.30 -23.13 -42.59
CA LEU D 240 10.91 -21.89 -43.05
C LEU D 240 12.41 -22.00 -42.78
N LEU D 241 12.73 -22.73 -41.71
CA LEU D 241 14.12 -22.98 -41.33
C LEU D 241 14.68 -23.89 -42.40
N MET D 242 13.84 -24.82 -42.85
CA MET D 242 14.19 -25.77 -43.88
C MET D 242 14.15 -25.13 -45.26
N ALA E 1 -62.83 34.89 -8.26
CA ALA E 1 -62.76 34.04 -7.05
C ALA E 1 -62.08 34.73 -5.87
N ALA E 2 -62.40 34.26 -4.66
CA ALA E 2 -61.83 34.82 -3.44
C ALA E 2 -60.58 34.05 -3.02
N ALA E 3 -59.73 34.71 -2.25
CA ALA E 3 -58.48 34.11 -1.78
C ALA E 3 -58.45 33.83 -0.27
N LYS E 4 -57.24 33.66 0.24
CA LYS E 4 -57.01 33.38 1.65
C LYS E 4 -56.98 34.68 2.46
N PRO E 5 -57.78 34.77 3.52
CA PRO E 5 -57.80 35.98 4.34
C PRO E 5 -56.49 36.13 5.12
N ALA E 6 -55.97 37.35 5.15
CA ALA E 6 -54.71 37.64 5.84
C ALA E 6 -54.77 37.26 7.32
N THR E 7 -53.77 36.51 7.76
CA THR E 7 -53.70 36.08 9.15
C THR E 7 -52.44 36.61 9.84
N THR E 8 -52.64 37.23 10.99
CA THR E 8 -51.52 37.78 11.77
C THR E 8 -50.80 36.61 12.45
N GLU E 9 -49.85 36.03 11.72
CA GLU E 9 -49.07 34.91 12.20
C GLU E 9 -48.10 35.24 13.32
N GLY E 10 -47.93 36.53 13.60
CA GLY E 10 -47.03 36.94 14.66
C GLY E 10 -47.68 36.87 16.04
N GLU E 11 -48.99 36.65 16.06
CA GLU E 11 -49.75 36.56 17.30
C GLU E 11 -49.47 35.28 18.08
N PHE E 12 -49.24 34.17 17.38
CA PHE E 12 -48.98 32.91 18.05
C PHE E 12 -47.47 32.63 18.18
N PRO E 13 -46.74 32.48 17.04
CA PRO E 13 -45.31 32.20 17.16
C PRO E 13 -44.42 33.36 16.65
N GLU E 14 -43.17 33.04 16.39
CA GLU E 14 -42.20 34.01 15.87
C GLU E 14 -42.13 33.75 14.36
N THR E 15 -41.69 34.72 13.57
CA THR E 15 -41.63 34.54 12.12
C THR E 15 -40.41 35.13 11.38
N ARG E 16 -40.23 34.69 10.13
CA ARG E 16 -39.16 35.12 9.23
C ARG E 16 -39.73 35.08 7.81
N GLU E 17 -39.03 35.66 6.82
CA GLU E 17 -39.56 35.71 5.46
C GLU E 17 -38.59 35.58 4.29
N LYS E 18 -39.13 35.85 3.10
CA LYS E 18 -38.45 35.86 1.80
C LYS E 18 -38.39 34.64 0.90
N MET E 19 -38.49 34.92 -0.41
CA MET E 19 -38.46 33.91 -1.49
C MET E 19 -37.40 34.28 -2.54
N SER E 20 -37.54 33.66 -3.71
CA SER E 20 -36.62 33.90 -4.84
C SER E 20 -37.37 34.15 -6.15
N GLY E 21 -36.65 34.59 -7.17
CA GLY E 21 -37.23 34.88 -8.46
C GLY E 21 -37.81 33.71 -9.24
N ILE E 22 -37.04 32.63 -9.34
CA ILE E 22 -37.47 31.44 -10.07
C ILE E 22 -38.70 30.78 -9.43
N ARG E 23 -38.73 30.71 -8.10
CA ARG E 23 -39.84 30.11 -7.39
C ARG E 23 -41.16 30.84 -7.65
N ARG E 24 -41.08 32.15 -7.87
CA ARG E 24 -42.26 32.96 -8.13
C ARG E 24 -42.79 32.69 -9.54
N ALA E 25 -41.88 32.41 -10.47
CA ALA E 25 -42.26 32.12 -11.85
C ALA E 25 -42.92 30.75 -11.93
N ILE E 26 -42.46 29.83 -11.09
CA ILE E 26 -43.00 28.47 -11.04
C ILE E 26 -44.36 28.52 -10.37
N ALA E 27 -44.47 29.33 -9.31
CA ALA E 27 -45.70 29.49 -8.57
C ALA E 27 -46.83 29.97 -9.49
N LYS E 28 -46.57 31.08 -10.17
CA LYS E 28 -47.55 31.66 -11.10
C LYS E 28 -47.93 30.70 -12.23
N ALA E 29 -46.94 29.94 -12.70
CA ALA E 29 -47.15 28.98 -13.77
C ALA E 29 -48.09 27.87 -13.32
N MET E 30 -47.89 27.38 -12.10
CA MET E 30 -48.70 26.33 -11.52
C MET E 30 -50.07 26.84 -11.08
N VAL E 31 -50.24 28.16 -11.06
CA VAL E 31 -51.51 28.76 -10.68
C VAL E 31 -52.40 28.77 -11.92
N HIS E 32 -51.82 29.23 -13.02
CA HIS E 32 -52.53 29.30 -14.30
C HIS E 32 -52.87 27.92 -14.82
N SER E 33 -51.95 26.98 -14.65
CA SER E 33 -52.12 25.60 -15.11
C SER E 33 -53.27 24.85 -14.45
N LYS E 34 -53.48 25.08 -13.16
CA LYS E 34 -54.52 24.40 -12.43
C LYS E 34 -55.84 25.17 -12.43
N HIS E 35 -55.81 26.36 -13.02
CA HIS E 35 -56.99 27.21 -13.12
C HIS E 35 -57.59 27.14 -14.51
N THR E 36 -56.82 26.60 -15.45
CA THR E 36 -57.28 26.49 -16.84
C THR E 36 -57.36 25.07 -17.34
N ALA E 37 -57.11 24.10 -16.47
CA ALA E 37 -57.15 22.72 -16.92
C ALA E 37 -57.80 21.71 -15.99
N PRO E 38 -58.69 20.87 -16.55
CA PRO E 38 -59.41 19.83 -15.84
C PRO E 38 -58.41 18.74 -15.46
N HIS E 39 -58.24 18.50 -14.16
CA HIS E 39 -57.28 17.51 -13.70
C HIS E 39 -57.81 16.23 -13.08
N VAL E 40 -57.17 15.12 -13.44
CA VAL E 40 -57.46 13.78 -12.97
C VAL E 40 -56.20 12.97 -13.27
N THR E 41 -55.72 12.21 -12.30
CA THR E 41 -54.53 11.40 -12.50
C THR E 41 -54.81 9.92 -12.63
N LEU E 42 -54.05 9.25 -13.50
CA LEU E 42 -54.21 7.82 -13.71
C LEU E 42 -53.02 7.09 -13.13
N MET E 43 -53.29 6.09 -12.30
CA MET E 43 -52.24 5.31 -11.65
C MET E 43 -52.09 3.93 -12.31
N ASP E 44 -50.91 3.66 -12.87
CA ASP E 44 -50.63 2.39 -13.54
C ASP E 44 -49.24 1.87 -13.19
N GLU E 45 -49.14 0.58 -12.86
CA GLU E 45 -47.87 -0.04 -12.54
C GLU E 45 -47.39 -0.97 -13.64
N ALA E 46 -46.16 -0.76 -14.09
CA ALA E 46 -45.57 -1.58 -15.15
C ALA E 46 -44.55 -2.58 -14.61
N ASP E 47 -44.58 -3.79 -15.15
CA ASP E 47 -43.65 -4.84 -14.74
C ASP E 47 -42.27 -4.49 -15.28
N VAL E 48 -41.36 -4.15 -14.38
CA VAL E 48 -40.01 -3.77 -14.78
C VAL E 48 -38.99 -4.74 -14.16
N THR E 49 -39.20 -6.03 -14.43
CA THR E 49 -38.31 -7.07 -13.93
C THR E 49 -37.20 -7.32 -14.94
N LYS E 50 -37.55 -7.21 -16.21
CA LYS E 50 -36.61 -7.42 -17.31
C LYS E 50 -35.81 -6.16 -17.63
N LEU E 51 -36.42 -4.99 -17.47
CA LEU E 51 -35.74 -3.73 -17.75
C LEU E 51 -34.62 -3.48 -16.76
N VAL E 52 -34.91 -3.67 -15.47
CA VAL E 52 -33.91 -3.49 -14.43
C VAL E 52 -32.73 -4.42 -14.67
N ALA E 53 -33.03 -5.61 -15.21
CA ALA E 53 -32.02 -6.60 -15.52
C ALA E 53 -31.17 -6.12 -16.69
N HIS E 54 -31.81 -5.43 -17.63
CA HIS E 54 -31.13 -4.90 -18.81
C HIS E 54 -30.21 -3.75 -18.43
N ARG E 55 -30.76 -2.82 -17.66
CA ARG E 55 -30.01 -1.64 -17.20
C ARG E 55 -28.75 -2.00 -16.44
N LYS E 56 -28.80 -3.12 -15.72
CA LYS E 56 -27.67 -3.59 -14.93
C LYS E 56 -26.63 -4.33 -15.75
N LYS E 57 -27.05 -4.93 -16.86
CA LYS E 57 -26.15 -5.68 -17.73
C LYS E 57 -25.36 -4.75 -18.66
N PHE E 58 -25.99 -3.65 -19.06
CA PHE E 58 -25.37 -2.68 -19.96
C PHE E 58 -24.54 -1.64 -19.21
N LYS E 59 -24.25 -1.88 -17.95
CA LYS E 59 -23.46 -0.96 -17.13
C LYS E 59 -22.03 -0.82 -17.66
N ALA E 60 -21.52 -1.87 -18.29
CA ALA E 60 -20.18 -1.86 -18.84
C ALA E 60 -20.07 -0.98 -20.07
N ILE E 61 -21.07 -1.08 -20.95
CA ILE E 61 -21.10 -0.29 -22.18
C ILE E 61 -21.38 1.18 -21.89
N ALA E 62 -22.00 1.44 -20.74
CA ALA E 62 -22.33 2.79 -20.31
C ALA E 62 -21.07 3.57 -19.93
N ALA E 63 -20.28 2.96 -19.05
CA ALA E 63 -19.04 3.56 -18.56
C ALA E 63 -18.04 3.78 -19.69
N GLU E 64 -18.09 2.93 -20.71
CA GLU E 64 -17.19 3.04 -21.86
C GLU E 64 -17.51 4.30 -22.66
N LYS E 65 -18.76 4.75 -22.59
CA LYS E 65 -19.19 5.95 -23.30
C LYS E 65 -19.33 7.12 -22.34
N GLY E 66 -18.95 6.89 -21.08
CA GLY E 66 -19.02 7.93 -20.05
C GLY E 66 -20.43 8.40 -19.72
N ILE E 67 -21.35 7.45 -19.58
CA ILE E 67 -22.74 7.76 -19.27
C ILE E 67 -23.26 6.87 -18.14
N LYS E 68 -24.27 7.36 -17.43
CA LYS E 68 -24.88 6.60 -16.34
C LYS E 68 -26.27 6.18 -16.77
N LEU E 69 -26.44 4.87 -17.02
CA LEU E 69 -27.73 4.34 -17.44
C LEU E 69 -28.77 4.34 -16.33
N THR E 70 -29.67 5.30 -16.37
CA THR E 70 -30.72 5.41 -15.38
C THR E 70 -32.03 4.90 -15.98
N PHE E 71 -33.11 4.99 -15.21
CA PHE E 71 -34.42 4.56 -15.68
C PHE E 71 -35.06 5.64 -16.55
N LEU E 72 -34.48 6.83 -16.53
CA LEU E 72 -34.98 7.97 -17.29
C LEU E 72 -34.94 7.82 -18.81
N PRO E 73 -33.78 7.48 -19.39
CA PRO E 73 -33.70 7.33 -20.85
C PRO E 73 -34.58 6.23 -21.44
N TYR E 74 -34.86 5.21 -20.63
CA TYR E 74 -35.70 4.10 -21.07
C TYR E 74 -37.16 4.54 -21.11
N VAL E 75 -37.53 5.40 -20.15
CA VAL E 75 -38.88 5.92 -20.06
C VAL E 75 -39.15 6.92 -21.18
N VAL E 76 -38.16 7.78 -21.46
CA VAL E 76 -38.29 8.77 -22.51
C VAL E 76 -38.64 8.10 -23.85
N LYS E 77 -38.12 6.90 -24.04
CA LYS E 77 -38.36 6.12 -25.25
C LYS E 77 -39.72 5.43 -25.27
N ALA E 78 -40.05 4.76 -24.16
CA ALA E 78 -41.31 4.05 -24.02
C ALA E 78 -42.49 4.98 -24.24
N LEU E 79 -42.28 6.27 -23.99
CA LEU E 79 -43.31 7.27 -24.17
C LEU E 79 -43.20 7.78 -25.60
N VAL E 80 -41.96 7.98 -26.04
CA VAL E 80 -41.66 8.47 -27.37
C VAL E 80 -42.38 7.70 -28.48
N SER E 81 -42.40 6.38 -28.37
CA SER E 81 -43.07 5.55 -29.36
C SER E 81 -44.59 5.48 -29.10
N ALA E 82 -44.95 5.53 -27.82
CA ALA E 82 -46.35 5.49 -27.42
C ALA E 82 -47.06 6.78 -27.85
N LEU E 83 -46.29 7.85 -27.92
CA LEU E 83 -46.80 9.16 -28.31
C LEU E 83 -47.12 9.14 -29.82
N ARG E 84 -46.24 8.51 -30.58
CA ARG E 84 -46.42 8.39 -32.03
C ARG E 84 -47.70 7.63 -32.33
N GLU E 85 -47.97 6.62 -31.51
CA GLU E 85 -49.16 5.78 -31.64
C GLU E 85 -50.43 6.53 -31.25
N TYR E 86 -50.33 7.38 -30.24
CA TYR E 86 -51.47 8.16 -29.75
C TYR E 86 -51.17 9.65 -29.79
N PRO E 87 -51.35 10.28 -30.96
CA PRO E 87 -51.11 11.71 -31.20
C PRO E 87 -51.93 12.67 -30.34
N VAL E 88 -53.01 12.18 -29.76
CA VAL E 88 -53.86 13.02 -28.91
C VAL E 88 -53.14 13.40 -27.61
N LEU E 89 -52.00 12.75 -27.37
CA LEU E 89 -51.20 13.01 -26.19
C LEU E 89 -50.18 14.12 -26.42
N ASN E 90 -49.78 14.29 -27.68
CA ASN E 90 -48.79 15.31 -28.05
C ASN E 90 -49.42 16.55 -28.66
N THR E 91 -50.65 16.84 -28.28
CA THR E 91 -51.34 18.00 -28.83
C THR E 91 -51.50 19.13 -27.82
N SER E 92 -52.42 20.05 -28.12
CA SER E 92 -52.71 21.19 -27.26
C SER E 92 -53.99 21.89 -27.74
N ILE E 93 -54.67 22.54 -26.81
CA ILE E 93 -55.91 23.24 -27.11
C ILE E 93 -55.62 24.56 -27.82
N ASP E 94 -56.24 24.77 -28.97
CA ASP E 94 -56.06 26.01 -29.71
C ASP E 94 -56.67 27.12 -28.87
N ASP E 95 -56.22 28.36 -29.09
CA ASP E 95 -56.73 29.49 -28.34
C ASP E 95 -58.22 29.73 -28.62
N GLU E 96 -58.70 29.17 -29.73
CA GLU E 96 -60.09 29.30 -30.13
C GLU E 96 -60.96 28.25 -29.42
N THR E 97 -60.32 27.45 -28.57
CA THR E 97 -60.96 26.38 -27.80
C THR E 97 -61.86 25.45 -28.62
N GLU E 98 -61.64 25.42 -29.93
CA GLU E 98 -62.43 24.58 -30.81
C GLU E 98 -61.61 23.68 -31.72
N GLU E 99 -60.30 23.63 -31.51
CA GLU E 99 -59.42 22.79 -32.33
C GLU E 99 -58.29 22.13 -31.53
N ILE E 100 -57.52 21.28 -32.21
CA ILE E 100 -56.41 20.57 -31.59
C ILE E 100 -55.16 20.64 -32.46
N ILE E 101 -54.11 21.30 -31.98
CA ILE E 101 -52.86 21.40 -32.72
C ILE E 101 -52.03 20.13 -32.56
N GLN E 102 -52.03 19.29 -33.60
CA GLN E 102 -51.29 18.03 -33.59
C GLN E 102 -49.82 18.16 -33.95
N LYS E 103 -48.96 18.11 -32.93
CA LYS E 103 -47.52 18.20 -33.14
C LYS E 103 -47.02 16.90 -33.77
N HIS E 104 -46.15 17.01 -34.76
CA HIS E 104 -45.61 15.84 -35.43
C HIS E 104 -44.25 15.44 -34.88
N TYR E 105 -43.60 16.37 -34.20
CA TYR E 105 -42.30 16.13 -33.59
C TYR E 105 -42.56 16.00 -32.08
N TYR E 106 -41.78 15.17 -31.40
CA TYR E 106 -41.97 14.96 -29.97
C TYR E 106 -40.75 15.36 -29.15
N ASN E 107 -40.84 16.52 -28.51
CA ASN E 107 -39.75 17.04 -27.68
C ASN E 107 -40.13 16.93 -26.19
N ILE E 108 -39.72 15.84 -25.56
CA ILE E 108 -40.04 15.59 -24.15
C ILE E 108 -39.09 16.24 -23.15
N GLY E 109 -39.65 16.87 -22.12
CA GLY E 109 -38.85 17.51 -21.10
C GLY E 109 -38.96 16.75 -19.78
N ILE E 110 -38.02 16.98 -18.87
CA ILE E 110 -38.03 16.32 -17.57
C ILE E 110 -37.78 17.30 -16.43
N ALA E 111 -38.54 17.17 -15.36
CA ALA E 111 -38.39 18.05 -14.19
C ALA E 111 -37.07 17.84 -13.47
N ALA E 112 -36.38 18.94 -13.18
CA ALA E 112 -35.11 18.90 -12.49
C ALA E 112 -35.13 19.86 -11.31
N ASP E 113 -35.33 19.32 -10.12
CA ASP E 113 -35.39 20.12 -8.89
C ASP E 113 -34.02 20.65 -8.49
N THR E 114 -33.85 21.97 -8.58
CA THR E 114 -32.60 22.61 -8.20
C THR E 114 -32.77 23.38 -6.89
N ASP E 115 -31.77 24.19 -6.55
CA ASP E 115 -31.83 24.98 -5.32
C ASP E 115 -32.72 26.20 -5.49
N ARG E 116 -32.73 26.76 -6.69
CA ARG E 116 -33.54 27.94 -7.00
C ARG E 116 -34.98 27.59 -7.39
N GLY E 117 -35.24 26.33 -7.71
CA GLY E 117 -36.59 25.93 -8.07
C GLY E 117 -36.71 24.75 -9.01
N LEU E 118 -37.78 24.74 -9.79
CA LEU E 118 -38.04 23.66 -10.74
C LEU E 118 -37.66 24.09 -12.16
N LEU E 119 -36.85 23.26 -12.82
CA LEU E 119 -36.42 23.53 -14.19
C LEU E 119 -36.69 22.30 -15.04
N VAL E 120 -37.44 22.49 -16.12
CA VAL E 120 -37.77 21.38 -17.00
C VAL E 120 -37.07 21.47 -18.36
N PRO E 121 -35.83 20.95 -18.46
CA PRO E 121 -35.07 20.99 -19.72
C PRO E 121 -35.70 20.08 -20.76
N VAL E 122 -35.85 20.59 -21.97
CA VAL E 122 -36.46 19.84 -23.06
C VAL E 122 -35.47 19.15 -23.99
N ILE E 123 -35.70 17.87 -24.26
CA ILE E 123 -34.85 17.09 -25.14
C ILE E 123 -35.53 17.06 -26.50
N LYS E 124 -34.94 17.77 -27.46
CA LYS E 124 -35.48 17.84 -28.82
C LYS E 124 -35.33 16.55 -29.61
N HIS E 125 -36.44 16.10 -30.18
CA HIS E 125 -36.49 14.89 -31.01
C HIS E 125 -35.91 13.65 -30.31
N ALA E 126 -36.50 13.28 -29.19
CA ALA E 126 -36.08 12.12 -28.43
C ALA E 126 -36.44 10.82 -29.14
N ASP E 127 -37.21 10.94 -30.22
CA ASP E 127 -37.63 9.78 -31.01
C ASP E 127 -36.51 9.30 -31.93
N ARG E 128 -35.60 10.22 -32.26
CA ARG E 128 -34.48 9.92 -33.15
C ARG E 128 -33.18 9.75 -32.37
N LYS E 129 -33.27 9.39 -31.10
CA LYS E 129 -32.09 9.22 -30.26
C LYS E 129 -32.10 7.98 -29.37
N PRO E 130 -30.98 7.25 -29.34
CA PRO E 130 -30.83 6.03 -28.53
C PRO E 130 -30.65 6.37 -27.05
N ILE E 131 -30.74 5.37 -26.19
CA ILE E 131 -30.59 5.54 -24.74
C ILE E 131 -29.30 6.25 -24.33
N PHE E 132 -28.20 5.89 -24.96
CA PHE E 132 -26.91 6.51 -24.65
C PHE E 132 -26.90 7.99 -25.01
N ALA E 133 -27.42 8.33 -26.18
CA ALA E 133 -27.49 9.71 -26.63
C ALA E 133 -28.48 10.49 -25.77
N LEU E 134 -29.58 9.85 -25.40
CA LEU E 134 -30.59 10.48 -24.57
C LEU E 134 -30.07 10.71 -23.15
N ALA E 135 -29.47 9.68 -22.57
CA ALA E 135 -28.91 9.77 -21.23
C ALA E 135 -27.82 10.82 -21.17
N GLN E 136 -26.99 10.88 -22.23
CA GLN E 136 -25.92 11.87 -22.32
C GLN E 136 -26.52 13.27 -22.21
N GLU E 137 -27.61 13.48 -22.93
CA GLU E 137 -28.30 14.77 -22.93
C GLU E 137 -29.06 15.04 -21.63
N ILE E 138 -29.61 13.98 -21.03
CA ILE E 138 -30.34 14.13 -19.78
C ILE E 138 -29.38 14.56 -18.68
N ASN E 139 -28.19 13.98 -18.66
CA ASN E 139 -27.16 14.30 -17.68
C ASN E 139 -26.58 15.68 -17.91
N GLU E 140 -26.45 16.06 -19.19
CA GLU E 140 -25.91 17.36 -19.54
C GLU E 140 -26.86 18.50 -19.18
N LEU E 141 -28.12 18.35 -19.56
CA LEU E 141 -29.14 19.36 -19.28
C LEU E 141 -29.45 19.45 -17.79
N ALA E 142 -29.20 18.37 -17.06
CA ALA E 142 -29.45 18.33 -15.62
C ALA E 142 -28.34 19.06 -14.86
N GLU E 143 -27.10 18.91 -15.32
CA GLU E 143 -25.96 19.57 -14.70
C GLU E 143 -25.97 21.06 -14.98
N LYS E 144 -26.41 21.44 -16.17
CA LYS E 144 -26.50 22.84 -16.57
C LYS E 144 -27.62 23.52 -15.80
N ALA E 145 -28.61 22.73 -15.39
CA ALA E 145 -29.75 23.24 -14.64
C ALA E 145 -29.34 23.63 -13.23
N ARG E 146 -28.59 22.76 -12.57
CA ARG E 146 -28.12 22.99 -11.21
C ARG E 146 -27.11 24.14 -11.16
N ASP E 147 -26.38 24.34 -12.25
CA ASP E 147 -25.38 25.40 -12.33
C ASP E 147 -25.95 26.70 -12.89
N GLY E 148 -27.23 26.67 -13.26
CA GLY E 148 -27.89 27.85 -13.80
C GLY E 148 -27.33 28.27 -15.15
N LYS E 149 -26.80 27.31 -15.90
CA LYS E 149 -26.24 27.58 -17.21
C LYS E 149 -27.20 27.23 -18.35
N LEU E 150 -28.43 26.87 -17.98
CA LEU E 150 -29.45 26.52 -18.98
C LEU E 150 -30.02 27.75 -19.68
N THR E 151 -29.84 27.82 -20.99
CA THR E 151 -30.37 28.93 -21.77
C THR E 151 -31.89 28.77 -21.84
N PRO E 152 -32.63 29.88 -21.92
CA PRO E 152 -34.09 29.81 -21.99
C PRO E 152 -34.63 29.08 -23.22
N GLY E 153 -33.77 28.93 -24.23
CA GLY E 153 -34.17 28.24 -25.45
C GLY E 153 -34.38 26.75 -25.26
N GLU E 154 -33.70 26.18 -24.27
CA GLU E 154 -33.81 24.75 -23.99
C GLU E 154 -34.99 24.45 -23.07
N MET E 155 -35.74 25.48 -22.72
CA MET E 155 -36.90 25.34 -21.84
C MET E 155 -38.19 25.65 -22.61
N LYS E 156 -38.16 25.47 -23.93
CA LYS E 156 -39.32 25.74 -24.76
C LYS E 156 -39.71 24.61 -25.71
N GLY E 157 -40.94 24.67 -26.20
CA GLY E 157 -41.45 23.69 -27.13
C GLY E 157 -41.46 22.23 -26.70
N ALA E 158 -42.06 21.95 -25.55
CA ALA E 158 -42.14 20.59 -25.04
C ALA E 158 -43.52 20.00 -25.28
N SER E 159 -43.58 18.80 -25.86
CA SER E 159 -44.84 18.13 -26.13
C SER E 159 -45.41 17.54 -24.84
N CYS E 160 -44.57 16.81 -24.13
CA CYS E 160 -44.95 16.18 -22.87
C CYS E 160 -43.78 16.27 -21.90
N THR E 161 -44.04 15.99 -20.63
CA THR E 161 -43.01 16.03 -19.61
C THR E 161 -43.03 14.80 -18.71
N ILE E 162 -41.95 14.60 -17.97
CA ILE E 162 -41.83 13.46 -17.06
C ILE E 162 -41.28 13.95 -15.73
N THR E 163 -42.04 13.74 -14.66
CA THR E 163 -41.62 14.15 -13.33
C THR E 163 -41.05 12.98 -12.53
N ASN E 164 -39.92 12.46 -12.99
CA ASN E 164 -39.24 11.34 -12.34
C ASN E 164 -38.70 11.74 -10.97
N ILE E 165 -39.18 11.06 -9.93
CA ILE E 165 -38.73 11.35 -8.57
C ILE E 165 -38.57 10.02 -7.81
N GLY E 166 -38.34 8.95 -8.56
CA GLY E 166 -38.17 7.64 -7.96
C GLY E 166 -36.94 7.54 -7.07
N SER E 167 -35.97 8.40 -7.33
CA SER E 167 -34.74 8.42 -6.55
C SER E 167 -35.00 8.93 -5.14
N ALA E 168 -36.00 9.80 -5.00
CA ALA E 168 -36.38 10.33 -3.69
C ALA E 168 -37.22 9.31 -2.94
N GLY E 169 -38.48 9.17 -3.34
CA GLY E 169 -39.35 8.22 -2.67
C GLY E 169 -40.82 8.27 -3.05
N GLY E 170 -41.65 7.72 -2.17
CA GLY E 170 -43.09 7.70 -2.40
C GLY E 170 -43.60 6.54 -3.22
N GLN E 171 -44.92 6.45 -3.32
CA GLN E 171 -45.57 5.39 -4.07
C GLN E 171 -46.35 5.99 -5.24
N TRP E 172 -47.35 6.80 -4.91
CA TRP E 172 -48.18 7.44 -5.94
C TRP E 172 -48.26 8.95 -5.73
N PHE E 173 -48.46 9.67 -6.82
CA PHE E 173 -48.56 11.13 -6.79
C PHE E 173 -49.57 11.60 -7.83
N THR E 174 -49.86 12.90 -7.85
CA THR E 174 -50.80 13.44 -8.81
C THR E 174 -50.22 14.68 -9.50
N PRO E 175 -49.18 14.50 -10.31
CA PRO E 175 -48.54 15.62 -11.02
C PRO E 175 -49.51 16.50 -11.80
N VAL E 176 -49.12 17.76 -11.99
CA VAL E 176 -49.95 18.71 -12.73
C VAL E 176 -49.28 19.10 -14.04
N ILE E 177 -50.09 19.08 -15.10
CA ILE E 177 -49.66 19.39 -16.45
C ILE E 177 -49.09 20.78 -16.68
N ASN E 178 -47.90 20.84 -17.27
CA ASN E 178 -47.23 22.11 -17.59
C ASN E 178 -47.75 22.58 -18.94
N HIS E 179 -48.88 23.27 -18.91
CA HIS E 179 -49.53 23.77 -20.14
C HIS E 179 -48.68 24.72 -20.96
N PRO E 180 -49.04 24.93 -22.24
CA PRO E 180 -50.16 24.37 -23.00
C PRO E 180 -50.16 22.86 -23.25
N GLU E 181 -49.27 22.13 -22.59
CA GLU E 181 -49.20 20.68 -22.74
C GLU E 181 -50.50 20.03 -22.27
N VAL E 182 -50.68 18.76 -22.61
CA VAL E 182 -51.90 18.04 -22.21
C VAL E 182 -51.64 16.87 -21.26
N ALA E 183 -50.38 16.50 -21.07
CA ALA E 183 -50.07 15.37 -20.17
C ALA E 183 -48.67 15.39 -19.56
N ILE E 184 -48.57 14.83 -18.35
CA ILE E 184 -47.32 14.72 -17.62
C ILE E 184 -47.18 13.30 -17.07
N LEU E 185 -45.98 12.76 -17.13
CA LEU E 185 -45.70 11.40 -16.68
C LEU E 185 -44.95 11.32 -15.35
N GLY E 186 -45.67 11.02 -14.27
CA GLY E 186 -45.05 10.90 -12.97
C GLY E 186 -44.56 9.47 -12.71
N ILE E 187 -43.46 9.34 -11.97
CA ILE E 187 -42.90 8.02 -11.67
C ILE E 187 -42.35 7.97 -10.24
N GLY E 188 -42.78 6.98 -9.47
CA GLY E 188 -42.32 6.84 -8.09
C GLY E 188 -41.31 5.74 -7.86
N ARG E 189 -41.13 5.38 -6.59
CA ARG E 189 -40.18 4.33 -6.19
C ARG E 189 -40.54 2.95 -6.72
N ILE E 190 -39.51 2.14 -6.94
CA ILE E 190 -39.67 0.78 -7.42
C ILE E 190 -39.75 -0.10 -6.16
N ALA E 191 -40.51 -1.19 -6.24
CA ALA E 191 -40.66 -2.09 -5.11
C ALA E 191 -41.06 -3.48 -5.55
N GLU E 192 -40.36 -4.49 -5.05
CA GLU E 192 -40.65 -5.88 -5.38
C GLU E 192 -42.05 -6.20 -4.87
N LYS E 193 -43.03 -6.19 -5.77
CA LYS E 193 -44.41 -6.45 -5.42
C LYS E 193 -44.91 -7.82 -5.88
N PRO E 194 -45.74 -8.46 -5.05
CA PRO E 194 -46.33 -9.77 -5.33
C PRO E 194 -47.30 -9.75 -6.51
N ILE E 195 -47.01 -10.58 -7.52
CA ILE E 195 -47.84 -10.67 -8.72
C ILE E 195 -48.20 -12.13 -9.00
N VAL E 196 -49.49 -12.42 -9.11
CA VAL E 196 -49.97 -13.78 -9.37
C VAL E 196 -49.68 -14.25 -10.80
N ARG E 197 -49.06 -15.43 -10.90
CA ARG E 197 -48.73 -16.03 -12.20
C ARG E 197 -49.80 -17.06 -12.56
N ASP E 198 -51.06 -16.71 -12.30
CA ASP E 198 -52.21 -17.58 -12.57
C ASP E 198 -52.29 -18.78 -11.64
N GLY E 199 -51.20 -19.03 -10.92
CA GLY E 199 -51.17 -20.16 -9.99
C GLY E 199 -50.69 -19.74 -8.61
N GLU E 200 -49.47 -19.21 -8.54
CA GLU E 200 -48.89 -18.76 -7.28
C GLU E 200 -48.42 -17.31 -7.36
N ILE E 201 -48.18 -16.71 -6.20
CA ILE E 201 -47.71 -15.34 -6.12
C ILE E 201 -46.19 -15.28 -6.27
N VAL E 202 -45.70 -14.32 -7.04
CA VAL E 202 -44.26 -14.16 -7.27
C VAL E 202 -43.81 -12.71 -7.14
N ALA E 203 -42.62 -12.50 -6.58
CA ALA E 203 -42.06 -11.17 -6.40
C ALA E 203 -41.62 -10.59 -7.74
N ALA E 204 -41.94 -9.32 -7.97
CA ALA E 204 -41.58 -8.65 -9.22
C ALA E 204 -41.63 -7.13 -9.06
N PRO E 205 -40.48 -6.46 -9.22
CA PRO E 205 -40.39 -5.00 -9.10
C PRO E 205 -41.33 -4.28 -10.07
N MET E 206 -42.10 -3.34 -9.54
CA MET E 206 -43.05 -2.57 -10.33
C MET E 206 -42.77 -1.07 -10.28
N LEU E 207 -42.98 -0.40 -11.41
CA LEU E 207 -42.78 1.04 -11.50
C LEU E 207 -44.10 1.78 -11.38
N ALA E 208 -44.14 2.77 -10.50
CA ALA E 208 -45.34 3.57 -10.31
C ALA E 208 -45.38 4.63 -11.40
N LEU E 209 -46.52 4.72 -12.08
CA LEU E 209 -46.69 5.69 -13.17
C LEU E 209 -48.00 6.47 -13.03
N SER E 210 -47.91 7.69 -12.54
CA SER E 210 -49.08 8.55 -12.36
C SER E 210 -49.11 9.67 -13.41
N LEU E 211 -50.08 9.62 -14.33
CA LEU E 211 -50.16 10.63 -15.38
C LEU E 211 -51.41 11.49 -15.32
N SER E 212 -51.21 12.80 -15.38
CA SER E 212 -52.32 13.75 -15.37
C SER E 212 -52.72 14.04 -16.82
N PHE E 213 -53.99 14.36 -17.04
CA PHE E 213 -54.46 14.64 -18.39
C PHE E 213 -55.52 15.75 -18.43
N ASP E 214 -55.55 16.48 -19.53
CA ASP E 214 -56.55 17.54 -19.73
C ASP E 214 -57.73 16.85 -20.38
N HIS E 215 -58.86 16.81 -19.67
CA HIS E 215 -60.05 16.14 -20.15
C HIS E 215 -60.85 16.88 -21.20
N ARG E 216 -60.39 18.08 -21.56
CA ARG E 216 -61.04 18.85 -22.60
C ARG E 216 -60.60 18.21 -23.92
N MET E 217 -59.52 17.44 -23.84
CA MET E 217 -58.95 16.74 -24.97
C MET E 217 -58.97 15.23 -24.74
N ILE E 218 -58.16 14.78 -23.78
CA ILE E 218 -58.04 13.37 -23.44
C ILE E 218 -59.11 12.91 -22.44
N ASP E 219 -59.90 11.92 -22.85
CA ASP E 219 -60.96 11.38 -22.01
C ASP E 219 -60.42 10.38 -20.99
N GLY E 220 -61.31 9.55 -20.45
CA GLY E 220 -60.90 8.56 -19.46
C GLY E 220 -60.33 7.31 -20.08
N ALA E 221 -61.00 6.77 -21.09
CA ALA E 221 -60.56 5.56 -21.77
C ALA E 221 -59.26 5.72 -22.55
N THR E 222 -59.17 6.78 -23.35
CA THR E 222 -57.97 7.04 -24.15
C THR E 222 -56.73 7.28 -23.31
N ALA E 223 -56.92 7.85 -22.12
CA ALA E 223 -55.81 8.14 -21.22
C ALA E 223 -55.29 6.88 -20.54
N GLN E 224 -56.20 5.95 -20.24
CA GLN E 224 -55.84 4.69 -19.60
C GLN E 224 -55.13 3.76 -20.56
N LYS E 225 -55.64 3.67 -21.79
CA LYS E 225 -55.05 2.84 -22.82
C LYS E 225 -53.58 3.22 -22.99
N ALA E 226 -53.32 4.53 -23.01
CA ALA E 226 -51.96 5.04 -23.14
C ALA E 226 -51.06 4.46 -22.06
N LEU E 227 -51.54 4.47 -20.82
CA LEU E 227 -50.79 3.96 -19.69
C LEU E 227 -50.65 2.43 -19.72
N ASN E 228 -51.68 1.76 -20.22
CA ASN E 228 -51.67 0.29 -20.31
C ASN E 228 -50.64 -0.14 -21.35
N HIS E 229 -50.52 0.67 -22.40
CA HIS E 229 -49.58 0.39 -23.47
C HIS E 229 -48.16 0.74 -23.02
N ILE E 230 -48.05 1.69 -22.10
CA ILE E 230 -46.76 2.09 -21.56
C ILE E 230 -46.28 0.95 -20.66
N LYS E 231 -47.23 0.25 -20.05
CA LYS E 231 -46.93 -0.88 -19.18
C LYS E 231 -46.30 -1.99 -20.03
N ARG E 232 -46.94 -2.27 -21.16
CA ARG E 232 -46.51 -3.29 -22.10
C ARG E 232 -45.19 -2.94 -22.78
N LEU E 233 -44.96 -1.65 -23.01
CA LEU E 233 -43.72 -1.20 -23.65
C LEU E 233 -42.55 -1.26 -22.67
N LEU E 234 -42.85 -1.19 -21.38
CA LEU E 234 -41.82 -1.26 -20.36
C LEU E 234 -41.46 -2.70 -20.02
N SER E 235 -42.47 -3.55 -19.87
CA SER E 235 -42.23 -4.96 -19.54
C SER E 235 -41.35 -5.61 -20.61
N ASP E 236 -41.61 -5.26 -21.87
CA ASP E 236 -40.84 -5.77 -22.99
C ASP E 236 -40.40 -4.61 -23.87
N PRO E 237 -39.21 -4.04 -23.59
CA PRO E 237 -38.66 -2.92 -24.35
C PRO E 237 -38.38 -3.28 -25.80
N GLU E 238 -38.47 -4.57 -26.11
CA GLU E 238 -38.25 -5.05 -27.47
C GLU E 238 -39.45 -4.69 -28.34
N LEU E 239 -40.52 -4.23 -27.70
CA LEU E 239 -41.73 -3.82 -28.39
C LEU E 239 -41.57 -2.39 -28.92
N LEU E 240 -40.45 -1.77 -28.57
CA LEU E 240 -40.13 -0.42 -29.00
C LEU E 240 -39.36 -0.53 -30.31
N LEU E 241 -38.61 -1.64 -30.42
CA LEU E 241 -37.84 -1.93 -31.62
C LEU E 241 -38.86 -2.24 -32.70
N MET E 242 -39.91 -2.95 -32.29
CA MET E 242 -41.00 -3.34 -33.16
C MET E 242 -41.94 -2.18 -33.43
#